data_7OSK
#
_entry.id   7OSK
#
_cell.length_a   117.985
_cell.length_b   65.304
_cell.length_c   94.825
_cell.angle_alpha   90.000
_cell.angle_beta   90.000
_cell.angle_gamma   90.000
#
_symmetry.space_group_name_H-M   'P 21 21 2'
#
loop_
_entity.id
_entity.type
_entity.pdbx_description
1 polymer 'Arabinogalactan endo-1,4-beta-galactosidase'
2 non-polymer 'CALCIUM ION'
3 non-polymer HEXANE-1,6-DIOL
4 non-polymer 'CHLORIDE ION'
5 water water
#
_entity_poly.entity_id   1
_entity_poly.type   'polypeptide(L)'
_entity_poly.pdbx_seq_one_letter_code
;MRLQKDFDRVMGIILMILILAIPSLQICNKSYTEGDPVIINPVPGLPVDFIRGVDASEAPWIIELGGKYYDENGVERDLL
DILKENGVNWIRLRVWNDPYDEQGRPYGGGNCDLPRMTDFAAKAKAKGFGVLIDFHYSDWWADPSKQSKPKAWANLSYPE
LVEAVYNWTYNALKYMAEHNALPDMVQIGNEINNGFLWPDGSAANWTQFVGLLKAAISAVKDVNPNIKIVIHLAGVKADF
YINFIDRLINSGVSFDVIAISFYPYWHGTMDDFRNLVRTLVQRYDKKILVAETAYAWTLDDSDGHPNIFGSRDLEVKGGY
KASIQGQASFIRDLIAALYEEGKDKALGIFYWGATWIPYPGAGWKTGEGNPWENQALFDFNGRALPSLKVFRLVYEAQPV
EIKPLEL
;
_entity_poly.pdbx_strand_id   A,B
#
loop_
_chem_comp.id
_chem_comp.type
_chem_comp.name
_chem_comp.formula
CA non-polymer 'CALCIUM ION' 'Ca 2'
CL non-polymer 'CHLORIDE ION' 'Cl -1'
HEZ non-polymer HEXANE-1,6-DIOL 'C6 H14 O2'
#
# COMPACT_ATOMS: atom_id res chain seq x y z
N PRO A 37 -25.03 32.32 9.82
CA PRO A 37 -25.34 33.22 8.70
C PRO A 37 -24.18 33.33 7.71
N VAL A 38 -23.60 32.19 7.36
CA VAL A 38 -22.45 32.15 6.48
C VAL A 38 -22.80 31.68 5.07
N ILE A 39 -22.59 32.57 4.10
CA ILE A 39 -22.82 32.24 2.69
C ILE A 39 -21.54 31.63 2.12
N ILE A 40 -21.71 30.60 1.30
CA ILE A 40 -20.57 29.88 0.74
C ILE A 40 -20.94 29.20 -0.57
N ASN A 41 -20.05 29.31 -1.55
CA ASN A 41 -20.23 28.64 -2.84
C ASN A 41 -19.70 27.21 -2.78
N PRO A 42 -20.41 26.26 -3.40
CA PRO A 42 -19.82 24.91 -3.48
C PRO A 42 -18.60 24.89 -4.38
N VAL A 43 -17.73 23.90 -4.20
CA VAL A 43 -16.56 23.71 -5.05
C VAL A 43 -16.83 22.55 -6.03
N PRO A 44 -17.14 22.88 -7.30
CA PRO A 44 -17.52 21.85 -8.26
C PRO A 44 -16.48 20.74 -8.45
N GLY A 45 -16.91 19.49 -8.34
CA GLY A 45 -16.05 18.36 -8.63
C GLY A 45 -15.14 17.95 -7.49
N LEU A 46 -15.34 18.54 -6.32
CA LEU A 46 -14.51 18.26 -5.17
C LEU A 46 -14.72 16.82 -4.68
N PRO A 47 -13.66 15.98 -4.69
CA PRO A 47 -13.78 14.59 -4.24
C PRO A 47 -14.28 14.45 -2.80
N VAL A 48 -15.04 13.40 -2.52
CA VAL A 48 -15.59 13.18 -1.18
C VAL A 48 -14.53 12.72 -0.18
N ASP A 49 -13.38 12.30 -0.69
CA ASP A 49 -12.27 11.84 0.17
C ASP A 49 -11.18 12.91 0.27
N PHE A 50 -11.51 14.13 -0.14
CA PHE A 50 -10.62 15.27 -0.06
C PHE A 50 -10.27 15.57 1.40
N ILE A 51 -9.00 15.84 1.69
CA ILE A 51 -8.59 16.09 3.07
C ILE A 51 -9.09 17.46 3.54
N ARG A 52 -10.15 17.43 4.33
CA ARG A 52 -10.69 18.62 4.97
C ARG A 52 -10.41 18.50 6.46
N GLY A 53 -9.16 18.71 6.84
CA GLY A 53 -8.72 18.46 8.20
C GLY A 53 -8.52 19.71 9.03
N VAL A 54 -8.24 19.50 10.32
CA VAL A 54 -7.87 20.56 11.24
C VAL A 54 -6.75 20.08 12.13
N ASP A 55 -5.97 21.02 12.66
CA ASP A 55 -4.94 20.69 13.65
C ASP A 55 -5.50 20.90 15.05
N ALA A 56 -5.71 19.79 15.77
CA ALA A 56 -6.30 19.83 17.10
C ALA A 56 -5.28 19.47 18.17
N SER A 57 -4.04 19.91 17.98
CA SER A 57 -2.95 19.56 18.87
C SER A 57 -3.15 20.09 20.29
N GLU A 58 -3.85 21.21 20.42
CA GLU A 58 -4.03 21.85 21.72
C GLU A 58 -5.26 21.32 22.45
N ALA A 59 -6.15 20.66 21.72
CA ALA A 59 -7.44 20.24 22.27
C ALA A 59 -7.29 19.32 23.49
N PRO A 60 -6.47 18.26 23.38
CA PRO A 60 -6.38 17.31 24.50
C PRO A 60 -6.01 17.97 25.83
N TRP A 61 -5.10 18.92 25.81
CA TRP A 61 -4.69 19.64 27.02
C TRP A 61 -5.85 20.49 27.56
N ILE A 62 -6.55 21.17 26.66
CA ILE A 62 -7.69 22.00 27.04
C ILE A 62 -8.77 21.18 27.76
N ILE A 63 -9.05 19.98 27.24
CA ILE A 63 -10.08 19.13 27.81
C ILE A 63 -9.68 18.66 29.22
N GLU A 64 -8.40 18.41 29.42
CA GLU A 64 -7.90 17.94 30.71
C GLU A 64 -8.06 19.00 31.78
N LEU A 65 -7.99 20.27 31.38
CA LEU A 65 -8.10 21.38 32.31
C LEU A 65 -9.56 21.69 32.66
N GLY A 66 -10.48 21.23 31.81
CA GLY A 66 -11.91 21.43 32.03
C GLY A 66 -12.57 22.22 30.92
N GLY A 67 -11.86 22.43 29.82
CA GLY A 67 -12.42 23.15 28.69
C GLY A 67 -13.52 22.37 27.99
N LYS A 68 -14.54 23.07 27.54
CA LYS A 68 -15.72 22.45 26.92
C LYS A 68 -15.98 22.99 25.52
N TYR A 69 -16.35 22.09 24.61
CA TYR A 69 -16.71 22.45 23.24
C TYR A 69 -18.22 22.27 23.02
N TYR A 70 -18.81 23.21 22.30
CA TYR A 70 -20.24 23.19 22.02
C TYR A 70 -20.51 23.21 20.52
N ASP A 71 -21.56 22.51 20.11
CA ASP A 71 -21.90 22.38 18.69
C ASP A 71 -22.58 23.66 18.17
N GLU A 72 -23.09 23.58 16.94
CA GLU A 72 -23.73 24.73 16.30
C GLU A 72 -24.91 25.25 17.12
N ASN A 73 -25.61 24.34 17.80
CA ASN A 73 -26.74 24.70 18.62
C ASN A 73 -26.32 25.25 19.98
N GLY A 74 -25.06 25.00 20.36
CA GLY A 74 -24.50 25.53 21.58
C GLY A 74 -24.61 24.60 22.77
N VAL A 75 -24.85 23.32 22.50
CA VAL A 75 -24.93 22.31 23.56
C VAL A 75 -23.61 21.53 23.62
N GLU A 76 -23.26 21.04 24.81
CA GLU A 76 -21.96 20.41 25.00
C GLU A 76 -21.89 19.05 24.31
N ARG A 77 -20.86 18.87 23.50
CA ARG A 77 -20.66 17.63 22.74
C ARG A 77 -19.19 17.20 22.78
N ASP A 78 -18.94 15.98 22.32
CA ASP A 78 -17.58 15.52 22.10
C ASP A 78 -17.00 16.31 20.92
N LEU A 79 -15.83 16.90 21.12
CA LEU A 79 -15.21 17.74 20.09
C LEU A 79 -15.13 17.04 18.74
N LEU A 80 -14.66 15.79 18.74
CA LEU A 80 -14.49 15.04 17.50
C LEU A 80 -15.83 14.82 16.80
N ASP A 81 -16.90 14.71 17.57
CA ASP A 81 -18.24 14.58 17.00
C ASP A 81 -18.65 15.89 16.33
N ILE A 82 -18.28 17.02 16.95
CA ILE A 82 -18.60 18.32 16.39
C ILE A 82 -17.86 18.52 15.07
N LEU A 83 -16.61 18.10 15.02
CA LEU A 83 -15.80 18.24 13.81
C LEU A 83 -16.32 17.35 12.70
N LYS A 84 -16.66 16.11 13.04
CA LYS A 84 -17.10 15.14 12.03
C LYS A 84 -18.39 15.59 11.37
N GLU A 85 -19.35 16.03 12.18
CA GLU A 85 -20.65 16.44 11.65
C GLU A 85 -20.54 17.76 10.88
N ASN A 86 -19.41 18.45 11.04
CA ASN A 86 -19.18 19.71 10.35
C ASN A 86 -18.41 19.51 9.04
N GLY A 87 -17.98 18.29 8.79
CA GLY A 87 -17.35 17.94 7.53
C GLY A 87 -15.88 17.60 7.62
N VAL A 88 -15.29 17.79 8.80
CA VAL A 88 -13.88 17.48 8.99
C VAL A 88 -13.66 15.97 9.02
N ASN A 89 -12.72 15.50 8.21
CA ASN A 89 -12.44 14.06 8.07
C ASN A 89 -11.03 13.66 8.45
N TRP A 90 -10.16 14.65 8.64
CA TRP A 90 -8.76 14.39 9.01
C TRP A 90 -8.36 15.18 10.25
N ILE A 91 -7.43 14.60 11.02
CA ILE A 91 -6.90 15.22 12.23
C ILE A 91 -5.39 15.29 12.13
N ARG A 92 -4.83 16.48 12.39
CA ARG A 92 -3.39 16.68 12.40
C ARG A 92 -2.92 16.99 13.81
N LEU A 93 -1.90 16.26 14.25
CA LEU A 93 -1.36 16.43 15.59
C LEU A 93 0.17 16.52 15.57
N ARG A 94 0.71 17.53 16.23
CA ARG A 94 2.15 17.63 16.41
C ARG A 94 2.58 16.83 17.63
N VAL A 95 3.82 16.36 17.62
CA VAL A 95 4.36 15.58 18.73
C VAL A 95 5.76 16.06 19.09
N TRP A 96 5.90 16.55 20.32
CA TRP A 96 7.19 16.93 20.86
C TRP A 96 7.74 15.78 21.69
N ASN A 97 9.06 15.62 21.67
CA ASN A 97 9.69 14.48 22.35
C ASN A 97 9.53 14.55 23.86
N ASP A 98 9.90 15.68 24.43
CA ASP A 98 9.83 15.89 25.87
C ASP A 98 9.58 17.36 26.20
N PRO A 99 8.32 17.80 26.08
CA PRO A 99 7.95 19.20 26.35
C PRO A 99 7.85 19.51 27.85
N TYR A 100 8.81 19.01 28.62
CA TYR A 100 8.88 19.25 30.05
C TYR A 100 10.32 19.59 30.41
N ASP A 101 10.52 20.29 31.53
CA ASP A 101 11.88 20.60 31.98
C ASP A 101 12.36 19.54 32.97
N GLU A 102 13.55 19.73 33.51
CA GLU A 102 14.16 18.74 34.40
C GLU A 102 13.42 18.61 35.73
N GLN A 103 12.52 19.56 35.99
CA GLN A 103 11.72 19.54 37.21
C GLN A 103 10.33 18.95 36.94
N GLY A 104 10.12 18.46 35.73
CA GLY A 104 8.86 17.84 35.36
C GLY A 104 7.78 18.81 34.94
N ARG A 105 8.06 20.11 35.03
CA ARG A 105 7.07 21.12 34.67
C ARG A 105 6.92 21.21 33.15
N PRO A 106 5.67 21.31 32.65
CA PRO A 106 5.42 21.37 31.21
C PRO A 106 5.77 22.72 30.57
N TYR A 107 6.20 22.69 29.31
CA TYR A 107 6.54 23.90 28.58
C TYR A 107 5.29 24.70 28.21
N GLY A 108 4.22 23.98 27.83
CA GLY A 108 2.98 24.60 27.40
C GLY A 108 2.74 24.40 25.92
N GLY A 109 1.92 25.26 25.34
CA GLY A 109 1.60 25.18 23.92
C GLY A 109 0.91 23.89 23.57
N GLY A 110 0.12 23.37 24.51
CA GLY A 110 -0.61 22.14 24.31
C GLY A 110 0.03 20.94 24.99
N ASN A 111 1.32 21.05 25.30
CA ASN A 111 2.07 19.96 25.93
C ASN A 111 1.89 18.66 25.15
N CYS A 112 2.31 18.68 23.89
CA CYS A 112 1.97 17.64 22.94
C CYS A 112 2.96 16.47 22.93
N ASP A 113 3.11 15.80 24.07
CA ASP A 113 3.97 14.63 24.13
C ASP A 113 3.25 13.42 23.56
N LEU A 114 4.00 12.34 23.33
CA LEU A 114 3.48 11.19 22.60
C LEU A 114 2.29 10.51 23.30
N PRO A 115 2.36 10.33 24.63
CA PRO A 115 1.23 9.70 25.32
C PRO A 115 -0.09 10.48 25.19
N ARG A 116 -0.04 11.80 25.35
CA ARG A 116 -1.27 12.61 25.28
C ARG A 116 -1.77 12.73 23.84
N MET A 117 -0.86 12.83 22.89
CA MET A 117 -1.23 12.96 21.49
C MET A 117 -1.76 11.66 20.92
N THR A 118 -1.21 10.53 21.38
CA THR A 118 -1.61 9.23 20.89
C THR A 118 -3.03 8.88 21.35
N ASP A 119 -3.38 9.31 22.56
CA ASP A 119 -4.70 9.01 23.11
C ASP A 119 -5.79 9.69 22.31
N PHE A 120 -5.50 10.89 21.80
CA PHE A 120 -6.47 11.63 21.00
C PHE A 120 -6.56 11.03 19.60
N ALA A 121 -5.41 10.73 19.02
CA ALA A 121 -5.34 10.15 17.68
C ALA A 121 -6.05 8.80 17.65
N ALA A 122 -5.98 8.08 18.77
CA ALA A 122 -6.64 6.78 18.88
C ALA A 122 -8.15 6.95 18.83
N LYS A 123 -8.66 7.93 19.55
CA LYS A 123 -10.09 8.20 19.60
C LYS A 123 -10.58 8.72 18.27
N ALA A 124 -9.75 9.51 17.59
CA ALA A 124 -10.08 10.08 16.30
C ALA A 124 -10.18 8.98 15.23
N LYS A 125 -9.18 8.11 15.20
CA LYS A 125 -9.15 7.03 14.23
C LYS A 125 -10.29 6.05 14.51
N ALA A 126 -10.70 5.97 15.77
CA ALA A 126 -11.84 5.14 16.16
C ALA A 126 -13.14 5.75 15.64
N LYS A 127 -13.14 7.08 15.48
CA LYS A 127 -14.32 7.79 14.98
C LYS A 127 -14.24 8.04 13.47
N GLY A 128 -13.38 7.30 12.79
CA GLY A 128 -13.31 7.32 11.34
C GLY A 128 -12.35 8.31 10.74
N PHE A 129 -11.77 9.19 11.56
CA PHE A 129 -10.86 10.22 11.06
C PHE A 129 -9.55 9.64 10.53
N GLY A 130 -8.94 10.37 9.60
CA GLY A 130 -7.57 10.10 9.18
C GLY A 130 -6.64 10.88 10.08
N VAL A 131 -5.43 10.37 10.28
CA VAL A 131 -4.48 10.97 11.23
C VAL A 131 -3.14 11.30 10.58
N LEU A 132 -2.76 12.58 10.66
CA LEU A 132 -1.44 13.04 10.26
C LEU A 132 -0.65 13.45 11.49
N ILE A 133 0.47 12.76 11.74
CA ILE A 133 1.32 13.08 12.88
C ILE A 133 2.53 13.88 12.43
N ASP A 134 2.78 14.97 13.14
CA ASP A 134 3.84 15.91 12.81
C ASP A 134 4.93 15.88 13.87
N PHE A 135 5.90 14.99 13.69
CA PHE A 135 7.05 14.93 14.60
C PHE A 135 7.96 16.13 14.41
N HIS A 136 7.89 17.09 15.32
CA HIS A 136 8.75 18.27 15.25
C HIS A 136 10.21 17.91 15.44
N TYR A 137 10.46 16.74 16.03
CA TYR A 137 11.81 16.33 16.40
C TYR A 137 12.49 17.43 17.21
N SER A 138 11.72 17.94 18.18
CA SER A 138 12.18 18.96 19.10
C SER A 138 11.37 18.79 20.38
N ASP A 139 11.85 19.35 21.49
CA ASP A 139 11.10 19.27 22.75
C ASP A 139 9.99 20.31 22.79
N TRP A 140 10.05 21.29 21.90
CA TRP A 140 9.01 22.30 21.82
C TRP A 140 8.88 22.84 20.40
N TRP A 141 8.34 24.05 20.25
CA TRP A 141 8.03 24.62 18.94
C TRP A 141 9.20 24.55 17.96
N ALA A 142 8.90 24.15 16.73
CA ALA A 142 9.89 24.13 15.67
C ALA A 142 9.34 24.73 14.39
N ASP A 143 10.13 25.60 13.77
CA ASP A 143 9.79 26.22 12.50
C ASP A 143 11.10 26.68 11.86
N PRO A 144 11.04 27.34 10.69
CA PRO A 144 12.32 27.68 10.04
C PRO A 144 13.19 28.69 10.78
N SER A 145 12.77 29.15 11.97
CA SER A 145 13.57 30.08 12.75
C SER A 145 14.15 29.42 14.01
N LYS A 146 13.57 28.27 14.37
CA LYS A 146 14.06 27.51 15.53
C LYS A 146 13.83 26.02 15.30
N GLN A 147 14.91 25.24 15.38
CA GLN A 147 14.85 23.79 15.23
C GLN A 147 15.71 23.13 16.30
N SER A 148 15.35 23.33 17.56
CA SER A 148 16.15 22.85 18.67
C SER A 148 16.17 21.32 18.73
N LYS A 149 17.37 20.76 18.79
CA LYS A 149 17.50 19.33 19.07
C LYS A 149 16.97 19.07 20.47
N PRO A 150 16.21 17.98 20.65
CA PRO A 150 15.72 17.66 22.00
C PRO A 150 16.84 17.64 23.04
N LYS A 151 16.50 17.88 24.30
CA LYS A 151 17.49 18.03 25.37
C LYS A 151 18.45 16.85 25.45
N ALA A 152 17.96 15.65 25.17
CA ALA A 152 18.77 14.44 25.29
C ALA A 152 19.57 14.16 24.02
N TRP A 153 19.26 14.88 22.95
CA TRP A 153 19.95 14.71 21.67
C TRP A 153 20.98 15.82 21.44
N ALA A 154 21.01 16.78 22.35
CA ALA A 154 21.80 18.01 22.19
C ALA A 154 23.29 17.75 21.96
N ASN A 155 23.87 16.83 22.71
CA ASN A 155 25.31 16.60 22.67
C ASN A 155 25.68 15.23 22.09
N LEU A 156 24.72 14.59 21.42
CA LEU A 156 25.01 13.37 20.70
C LEU A 156 25.73 13.71 19.41
N SER A 157 26.80 12.96 19.11
CA SER A 157 27.51 13.12 17.84
C SER A 157 26.56 12.77 16.69
N TYR A 158 26.92 13.17 15.48
CA TYR A 158 26.04 12.97 14.34
C TYR A 158 25.66 11.49 14.15
N PRO A 159 26.63 10.57 14.22
CA PRO A 159 26.26 9.16 14.07
C PRO A 159 25.29 8.69 15.14
N GLU A 160 25.50 9.11 16.38
CA GLU A 160 24.61 8.75 17.47
C GLU A 160 23.24 9.38 17.28
N LEU A 161 23.21 10.55 16.64
CA LEU A 161 21.97 11.26 16.39
C LEU A 161 21.12 10.51 15.35
N VAL A 162 21.78 9.97 14.33
CA VAL A 162 21.10 9.18 13.32
C VAL A 162 20.45 7.97 13.98
N GLU A 163 21.17 7.36 14.91
CA GLU A 163 20.66 6.22 15.66
C GLU A 163 19.49 6.64 16.55
N ALA A 164 19.48 7.91 16.92
CA ALA A 164 18.45 8.44 17.82
C ALA A 164 17.13 8.70 17.09
N VAL A 165 17.21 9.38 15.96
CA VAL A 165 16.00 9.69 15.18
C VAL A 165 15.33 8.40 14.70
N TYR A 166 16.12 7.40 14.36
CA TYR A 166 15.57 6.14 13.88
C TYR A 166 14.87 5.40 15.01
N ASN A 167 15.60 5.16 16.10
CA ASN A 167 15.09 4.37 17.21
C ASN A 167 13.90 5.03 17.91
N TRP A 168 13.90 6.35 17.96
CA TRP A 168 12.82 7.08 18.59
C TRP A 168 11.57 7.05 17.70
N THR A 169 11.77 7.31 16.41
CA THR A 169 10.66 7.30 15.46
C THR A 169 10.03 5.91 15.38
N TYR A 170 10.87 4.88 15.37
CA TYR A 170 10.40 3.51 15.30
C TYR A 170 9.52 3.20 16.50
N ASN A 171 10.09 3.40 17.69
CA ASN A 171 9.38 3.15 18.94
C ASN A 171 8.18 4.08 19.09
N ALA A 172 8.29 5.30 18.60
CA ALA A 172 7.18 6.24 18.64
C ALA A 172 5.99 5.69 17.87
N LEU A 173 6.20 5.32 16.62
CA LEU A 173 5.12 4.80 15.79
C LEU A 173 4.69 3.40 16.25
N LYS A 174 5.61 2.65 16.83
CA LYS A 174 5.26 1.35 17.41
C LYS A 174 4.34 1.55 18.61
N TYR A 175 4.51 2.67 19.30
CA TYR A 175 3.66 3.00 20.45
C TYR A 175 2.25 3.33 19.98
N MET A 176 2.14 4.12 18.92
CA MET A 176 0.84 4.55 18.40
C MET A 176 0.07 3.38 17.79
N ALA A 177 0.80 2.45 17.16
CA ALA A 177 0.19 1.32 16.49
C ALA A 177 -0.54 0.42 17.50
N GLU A 178 -0.02 0.33 18.71
CA GLU A 178 -0.56 -0.58 19.71
C GLU A 178 -1.76 0.00 20.44
N HIS A 179 -1.80 1.32 20.54
CA HIS A 179 -2.97 2.01 21.08
C HIS A 179 -3.97 2.28 19.96
N ASN A 180 -3.78 1.59 18.83
CA ASN A 180 -4.63 1.75 17.65
C ASN A 180 -4.72 3.21 17.24
N ALA A 181 -3.56 3.82 17.01
CA ALA A 181 -3.48 5.22 16.63
C ALA A 181 -2.39 5.43 15.59
N LEU A 182 -2.11 4.39 14.80
CA LEU A 182 -1.14 4.50 13.73
C LEU A 182 -1.58 5.56 12.74
N PRO A 183 -0.74 6.59 12.51
CA PRO A 183 -1.13 7.65 11.58
C PRO A 183 -1.06 7.23 10.11
N ASP A 184 -2.05 7.64 9.33
CA ASP A 184 -2.05 7.36 7.90
C ASP A 184 -0.90 8.09 7.21
N MET A 185 -0.57 9.26 7.75
CA MET A 185 0.51 10.08 7.20
C MET A 185 1.44 10.58 8.30
N VAL A 186 2.73 10.62 8.00
CA VAL A 186 3.74 11.13 8.92
C VAL A 186 4.46 12.30 8.28
N GLN A 187 4.73 13.32 9.11
CA GLN A 187 5.38 14.54 8.66
C GLN A 187 6.76 14.67 9.30
N ILE A 188 7.78 14.41 8.49
CA ILE A 188 9.15 14.37 8.98
C ILE A 188 9.67 15.79 9.25
N GLY A 189 9.48 16.24 10.48
CA GLY A 189 9.87 17.59 10.86
C GLY A 189 8.76 18.58 10.54
N ASN A 190 8.81 19.76 11.15
CA ASN A 190 7.81 20.80 10.89
C ASN A 190 8.43 22.02 10.24
N GLU A 191 7.99 22.30 9.01
CA GLU A 191 8.51 23.42 8.23
C GLU A 191 10.03 23.38 8.19
N ILE A 192 10.56 22.35 7.55
CA ILE A 192 12.00 22.07 7.54
C ILE A 192 12.70 22.80 6.40
N ASN A 193 12.29 24.03 6.13
CA ASN A 193 12.89 24.85 5.08
C ASN A 193 14.40 24.97 5.26
N ASN A 194 14.81 25.38 6.46
CA ASN A 194 16.21 25.53 6.80
C ASN A 194 16.74 24.29 7.50
N GLY A 195 16.08 23.16 7.23
CA GLY A 195 16.44 21.90 7.85
C GLY A 195 15.83 21.77 9.24
N PHE A 196 16.28 20.76 9.97
CA PHE A 196 15.83 20.51 11.34
C PHE A 196 16.99 19.97 12.15
N LEU A 197 16.82 19.91 13.47
CA LEU A 197 17.85 19.41 14.37
C LEU A 197 19.15 20.18 14.21
N TRP A 198 19.10 21.50 14.41
CA TRP A 198 20.25 22.36 14.22
C TRP A 198 21.35 22.09 15.25
N PRO A 199 22.63 22.27 14.86
CA PRO A 199 23.09 22.64 13.51
C PRO A 199 23.35 21.45 12.61
N ASP A 200 23.29 20.23 13.16
CA ASP A 200 23.69 19.02 12.43
C ASP A 200 22.87 18.76 11.17
N GLY A 201 21.62 19.21 11.16
CA GLY A 201 20.76 19.07 10.00
C GLY A 201 20.26 20.42 9.53
N SER A 202 21.17 21.40 9.50
CA SER A 202 20.80 22.79 9.25
C SER A 202 20.73 23.14 7.77
N ALA A 203 20.36 22.17 6.93
CA ALA A 203 20.24 22.40 5.48
C ALA A 203 21.58 22.79 4.84
N ALA A 204 22.30 23.73 5.46
CA ALA A 204 23.67 24.02 5.08
C ALA A 204 24.49 22.73 5.09
N ASN A 205 24.36 21.96 6.16
CA ASN A 205 24.92 20.62 6.20
C ASN A 205 23.97 19.66 5.49
N TRP A 206 23.80 19.84 4.19
CA TRP A 206 22.81 19.10 3.43
C TRP A 206 23.02 17.59 3.54
N THR A 207 24.27 17.16 3.48
CA THR A 207 24.58 15.74 3.55
C THR A 207 24.06 15.12 4.85
N GLN A 208 24.37 15.78 5.97
CA GLN A 208 23.94 15.31 7.28
C GLN A 208 22.44 15.48 7.43
N PHE A 209 21.93 16.57 6.89
CA PHE A 209 20.49 16.85 6.87
C PHE A 209 19.72 15.70 6.20
N VAL A 210 20.24 15.20 5.08
CA VAL A 210 19.58 14.13 4.34
C VAL A 210 19.71 12.80 5.07
N GLY A 211 20.84 12.61 5.76
CA GLY A 211 21.05 11.40 6.52
C GLY A 211 20.03 11.27 7.64
N LEU A 212 19.77 12.37 8.34
CA LEU A 212 18.80 12.39 9.42
C LEU A 212 17.38 12.28 8.88
N LEU A 213 17.13 12.92 7.74
CA LEU A 213 15.82 12.88 7.13
C LEU A 213 15.51 11.45 6.67
N LYS A 214 16.49 10.81 6.03
CA LYS A 214 16.35 9.43 5.59
C LYS A 214 16.18 8.47 6.76
N ALA A 215 16.93 8.72 7.84
CA ALA A 215 16.91 7.86 9.02
C ALA A 215 15.51 7.77 9.63
N ALA A 216 14.83 8.91 9.72
CA ALA A 216 13.46 8.94 10.22
C ALA A 216 12.54 8.16 9.30
N ILE A 217 12.70 8.38 7.99
CA ILE A 217 11.86 7.72 7.01
C ILE A 217 12.04 6.20 7.06
N SER A 218 13.29 5.75 7.19
CA SER A 218 13.55 4.32 7.31
C SER A 218 12.80 3.74 8.50
N ALA A 219 12.68 4.52 9.57
CA ALA A 219 11.98 4.07 10.77
C ALA A 219 10.49 3.90 10.48
N VAL A 220 9.89 4.88 9.82
CA VAL A 220 8.46 4.85 9.52
C VAL A 220 8.09 3.62 8.71
N LYS A 221 8.88 3.35 7.66
CA LYS A 221 8.57 2.28 6.71
C LYS A 221 8.75 0.91 7.36
N ASP A 222 9.67 0.82 8.33
CA ASP A 222 9.93 -0.43 9.04
C ASP A 222 8.75 -0.80 9.95
N VAL A 223 8.03 0.21 10.43
CA VAL A 223 6.82 -0.02 11.19
C VAL A 223 5.69 -0.39 10.23
N ASN A 224 5.61 0.34 9.12
CA ASN A 224 4.61 0.10 8.11
C ASN A 224 4.97 0.87 6.83
N PRO A 225 5.20 0.15 5.71
CA PRO A 225 5.69 0.85 4.52
C PRO A 225 4.57 1.52 3.70
N ASN A 226 3.34 1.49 4.22
CA ASN A 226 2.21 2.12 3.54
C ASN A 226 1.85 3.45 4.22
N ILE A 227 2.53 3.75 5.32
CA ILE A 227 2.48 5.08 5.90
C ILE A 227 3.11 6.05 4.92
N LYS A 228 2.45 7.17 4.67
CA LYS A 228 2.93 8.12 3.67
C LYS A 228 3.76 9.23 4.31
N ILE A 229 4.86 9.57 3.65
CA ILE A 229 5.82 10.52 4.16
C ILE A 229 5.50 11.92 3.66
N VAL A 230 5.54 12.89 4.58
CA VAL A 230 5.21 14.27 4.27
C VAL A 230 6.38 15.19 4.55
N ILE A 231 6.83 15.87 3.50
CA ILE A 231 7.84 16.91 3.62
C ILE A 231 7.15 18.27 3.70
N HIS A 232 7.28 18.93 4.85
CA HIS A 232 6.55 20.16 5.12
C HIS A 232 7.44 21.38 4.94
N LEU A 233 6.95 22.34 4.16
CA LEU A 233 7.65 23.61 3.95
C LEU A 233 6.73 24.78 4.23
N ALA A 234 7.32 25.92 4.59
CA ALA A 234 6.57 27.13 4.90
C ALA A 234 6.77 28.20 3.83
N GLY A 235 5.69 28.92 3.53
CA GLY A 235 5.72 29.96 2.52
C GLY A 235 5.24 29.46 1.19
N VAL A 236 5.17 30.36 0.21
CA VAL A 236 4.77 30.01 -1.15
C VAL A 236 5.78 30.54 -2.16
N LYS A 237 7.01 30.76 -1.72
CA LYS A 237 8.09 31.15 -2.63
C LYS A 237 8.41 29.97 -3.55
N ALA A 238 7.84 29.99 -4.74
CA ALA A 238 7.93 28.86 -5.66
C ALA A 238 9.37 28.53 -6.05
N ASP A 239 10.18 29.57 -6.30
CA ASP A 239 11.56 29.36 -6.72
C ASP A 239 12.38 28.67 -5.63
N PHE A 240 11.97 28.81 -4.38
CA PHE A 240 12.65 28.15 -3.28
C PHE A 240 12.25 26.67 -3.20
N TYR A 241 10.95 26.40 -3.40
CA TYR A 241 10.45 25.03 -3.39
C TYR A 241 11.17 24.21 -4.46
N ILE A 242 11.35 24.80 -5.64
CA ILE A 242 12.06 24.15 -6.72
C ILE A 242 13.47 23.75 -6.28
N ASN A 243 14.23 24.73 -5.79
CA ASN A 243 15.60 24.50 -5.39
C ASN A 243 15.72 23.48 -4.26
N PHE A 244 14.79 23.54 -3.32
CA PHE A 244 14.83 22.69 -2.14
C PHE A 244 14.41 21.25 -2.45
N ILE A 245 13.32 21.10 -3.19
CA ILE A 245 12.77 19.77 -3.47
C ILE A 245 13.62 19.02 -4.50
N ASP A 246 14.05 19.72 -5.54
CA ASP A 246 14.97 19.14 -6.52
C ASP A 246 16.17 18.52 -5.83
N ARG A 247 16.81 19.27 -4.95
N ARG A 247 16.80 19.28 -4.95
CA ARG A 247 17.99 18.79 -4.24
CA ARG A 247 17.97 18.83 -4.22
C ARG A 247 17.63 17.65 -3.30
C ARG A 247 17.62 17.65 -3.32
N LEU A 248 16.39 17.65 -2.81
CA LEU A 248 15.93 16.62 -1.91
C LEU A 248 15.67 15.31 -2.66
N ILE A 249 14.94 15.40 -3.76
CA ILE A 249 14.66 14.25 -4.61
C ILE A 249 15.95 13.63 -5.14
N ASN A 250 16.86 14.49 -5.59
CA ASN A 250 18.15 14.03 -6.11
C ASN A 250 19.01 13.38 -5.03
N SER A 251 18.75 13.70 -3.76
CA SER A 251 19.54 13.15 -2.66
C SER A 251 19.06 11.76 -2.23
N GLY A 252 18.01 11.28 -2.87
CA GLY A 252 17.50 9.95 -2.58
C GLY A 252 16.41 9.93 -1.53
N VAL A 253 16.02 11.11 -1.06
CA VAL A 253 14.96 11.21 -0.06
C VAL A 253 13.62 10.85 -0.69
N SER A 254 13.06 9.72 -0.26
CA SER A 254 11.79 9.26 -0.77
C SER A 254 10.65 9.74 0.11
N PHE A 255 9.70 10.45 -0.49
CA PHE A 255 8.53 10.93 0.21
C PHE A 255 7.37 11.01 -0.75
N ASP A 256 6.16 11.16 -0.23
CA ASP A 256 4.95 11.09 -1.04
C ASP A 256 4.25 12.44 -1.15
N VAL A 257 4.28 13.22 -0.08
CA VAL A 257 3.50 14.46 -0.01
C VAL A 257 4.38 15.68 0.19
N ILE A 258 4.05 16.75 -0.54
CA ILE A 258 4.66 18.06 -0.34
C ILE A 258 3.67 18.94 0.40
N ALA A 259 3.94 19.18 1.68
CA ALA A 259 3.03 19.95 2.53
C ALA A 259 3.40 21.42 2.55
N ILE A 260 2.39 22.27 2.69
CA ILE A 260 2.56 23.72 2.64
C ILE A 260 1.96 24.40 3.86
N SER A 261 2.68 25.35 4.44
CA SER A 261 2.12 26.26 5.42
C SER A 261 1.77 27.56 4.73
N PHE A 262 0.49 27.83 4.56
CA PHE A 262 0.05 29.06 3.93
C PHE A 262 -0.85 29.90 4.83
N TYR A 263 -0.24 30.93 5.42
CA TYR A 263 -0.97 31.98 6.11
C TYR A 263 -0.93 33.24 5.23
N PRO A 264 -2.09 33.62 4.64
CA PRO A 264 -2.11 34.71 3.66
C PRO A 264 -1.49 36.01 4.18
N TYR A 265 -1.65 36.28 5.47
CA TYR A 265 -1.16 37.51 6.06
C TYR A 265 0.36 37.49 6.28
N TRP A 266 1.00 36.40 5.86
CA TRP A 266 2.44 36.22 6.01
C TRP A 266 3.11 35.84 4.71
N HIS A 267 2.47 34.93 3.96
CA HIS A 267 3.14 34.24 2.88
C HIS A 267 2.74 34.72 1.49
N GLY A 268 1.59 35.38 1.39
CA GLY A 268 1.19 36.01 0.13
C GLY A 268 -0.28 35.94 -0.17
N THR A 269 -0.62 36.32 -1.41
CA THR A 269 -2.00 36.36 -1.86
C THR A 269 -2.47 34.99 -2.31
N MET A 270 -3.76 34.89 -2.64
CA MET A 270 -4.33 33.64 -3.13
C MET A 270 -3.70 33.26 -4.47
N ASP A 271 -3.34 34.28 -5.25
CA ASP A 271 -2.68 34.07 -6.53
C ASP A 271 -1.27 33.53 -6.34
N ASP A 272 -0.59 34.02 -5.32
CA ASP A 272 0.76 33.53 -4.99
C ASP A 272 0.70 32.05 -4.61
N PHE A 273 -0.42 31.65 -4.01
CA PHE A 273 -0.63 30.25 -3.66
C PHE A 273 -0.91 29.42 -4.92
N ARG A 274 -1.69 29.99 -5.83
CA ARG A 274 -2.01 29.33 -7.09
C ARG A 274 -0.76 29.03 -7.92
N ASN A 275 0.16 29.98 -7.95
CA ASN A 275 1.37 29.84 -8.73
C ASN A 275 2.25 28.72 -8.19
N LEU A 276 2.27 28.55 -6.87
CA LEU A 276 3.06 27.50 -6.25
C LEU A 276 2.49 26.12 -6.62
N VAL A 277 1.18 25.97 -6.51
CA VAL A 277 0.54 24.68 -6.74
C VAL A 277 0.81 24.19 -8.16
N ARG A 278 0.51 25.02 -9.16
CA ARG A 278 0.67 24.61 -10.55
C ARG A 278 2.13 24.33 -10.89
N THR A 279 3.05 24.95 -10.15
CA THR A 279 4.47 24.74 -10.36
C THR A 279 4.90 23.38 -9.81
N LEU A 280 4.21 22.92 -8.78
CA LEU A 280 4.52 21.64 -8.16
C LEU A 280 3.92 20.47 -8.93
N VAL A 281 2.74 20.66 -9.51
CA VAL A 281 2.07 19.59 -10.22
C VAL A 281 2.73 19.30 -11.57
N GLN A 282 3.42 20.31 -12.11
CA GLN A 282 4.09 20.15 -13.40
C GLN A 282 5.52 19.64 -13.23
N ARG A 283 6.18 20.06 -12.15
CA ARG A 283 7.58 19.72 -11.95
C ARG A 283 7.77 18.42 -11.18
N TYR A 284 6.76 18.05 -10.40
CA TYR A 284 6.84 16.87 -9.53
C TYR A 284 5.61 15.97 -9.66
N ASP A 285 5.84 14.66 -9.58
CA ASP A 285 4.76 13.68 -9.54
C ASP A 285 4.56 13.25 -8.08
N LYS A 286 4.15 14.21 -7.26
CA LYS A 286 3.85 13.96 -5.85
C LYS A 286 2.63 14.74 -5.42
N LYS A 287 2.09 14.39 -4.26
CA LYS A 287 0.87 15.00 -3.76
C LYS A 287 1.12 16.38 -3.16
N ILE A 288 0.08 17.20 -3.16
CA ILE A 288 0.17 18.57 -2.68
C ILE A 288 -0.79 18.77 -1.51
N LEU A 289 -0.24 19.21 -0.38
CA LEU A 289 -1.01 19.35 0.86
C LEU A 289 -0.79 20.71 1.51
N VAL A 290 -1.83 21.23 2.15
CA VAL A 290 -1.70 22.39 3.02
C VAL A 290 -1.71 21.91 4.48
N ALA A 291 -0.53 21.83 5.08
CA ALA A 291 -0.39 21.31 6.44
C ALA A 291 -0.87 22.30 7.48
N GLU A 292 -0.71 23.58 7.19
CA GLU A 292 -1.13 24.63 8.12
C GLU A 292 -1.68 25.84 7.38
N THR A 293 -2.80 26.34 7.87
CA THR A 293 -3.39 27.57 7.35
C THR A 293 -4.44 28.05 8.34
N ALA A 294 -4.69 29.36 8.37
CA ALA A 294 -5.69 29.92 9.26
C ALA A 294 -6.01 31.35 8.91
N TYR A 295 -7.13 31.84 9.44
CA TYR A 295 -7.49 33.25 9.29
C TYR A 295 -8.32 33.69 10.47
N ALA A 296 -8.50 35.00 10.61
CA ALA A 296 -9.21 35.57 11.74
C ALA A 296 -10.71 35.68 11.48
N TRP A 297 -11.51 35.15 12.41
CA TRP A 297 -12.95 35.32 12.38
C TRP A 297 -13.34 36.58 13.14
N THR A 298 -12.37 37.17 13.83
CA THR A 298 -12.58 38.42 14.56
C THR A 298 -11.23 39.06 14.88
N LEU A 299 -11.26 40.28 15.40
CA LEU A 299 -10.04 41.00 15.75
C LEU A 299 -9.97 41.21 17.26
N ASP A 300 -11.06 40.89 17.95
CA ASP A 300 -11.12 41.08 19.39
C ASP A 300 -10.22 40.09 20.14
N ASP A 301 -10.02 40.35 21.43
CA ASP A 301 -9.23 39.49 22.30
C ASP A 301 -10.08 39.04 23.48
N SER A 302 -9.74 37.88 24.05
CA SER A 302 -10.54 37.25 25.09
C SER A 302 -9.84 37.18 26.44
N ASP A 303 -8.56 36.80 26.43
CA ASP A 303 -7.84 36.49 27.66
C ASP A 303 -6.78 37.54 28.03
N GLY A 304 -6.78 38.67 27.33
CA GLY A 304 -5.86 39.74 27.63
C GLY A 304 -4.46 39.53 27.07
N HIS A 305 -4.24 38.38 26.45
CA HIS A 305 -2.95 38.08 25.82
C HIS A 305 -3.01 38.43 24.34
N PRO A 306 -2.28 39.48 23.91
CA PRO A 306 -2.32 39.96 22.52
C PRO A 306 -2.14 38.86 21.49
N ASN A 307 -2.92 38.91 20.42
CA ASN A 307 -2.87 37.89 19.38
C ASN A 307 -1.95 38.28 18.23
N ILE A 308 -1.54 37.28 17.46
CA ILE A 308 -0.72 37.49 16.27
C ILE A 308 -1.54 38.25 15.23
N PHE A 309 -2.79 37.83 15.07
CA PHE A 309 -3.76 38.56 14.24
C PHE A 309 -4.42 39.63 15.10
N GLY A 310 -3.80 40.80 15.16
CA GLY A 310 -4.15 41.81 16.14
C GLY A 310 -4.91 43.01 15.59
N SER A 311 -4.33 43.67 14.60
CA SER A 311 -4.92 44.87 14.03
C SER A 311 -5.35 44.62 12.59
N ARG A 312 -6.03 45.61 12.01
CA ARG A 312 -6.44 45.53 10.61
C ARG A 312 -5.23 45.41 9.68
N ASP A 313 -4.03 45.61 10.25
CA ASP A 313 -2.77 45.40 9.54
C ASP A 313 -2.73 44.07 8.79
N LEU A 314 -2.91 42.97 9.51
CA LEU A 314 -2.84 41.64 8.90
C LEU A 314 -4.04 41.37 8.01
N GLU A 315 -5.11 42.15 8.19
CA GLU A 315 -6.34 41.97 7.44
C GLU A 315 -6.21 42.43 5.99
N VAL A 316 -5.33 43.39 5.72
CA VAL A 316 -5.14 43.89 4.37
C VAL A 316 -4.12 43.02 3.62
N LYS A 317 -3.30 42.29 4.37
CA LYS A 317 -2.36 41.35 3.78
C LYS A 317 -3.05 40.08 3.29
N GLY A 318 -4.04 39.63 4.05
CA GLY A 318 -4.73 38.39 3.76
C GLY A 318 -5.69 38.49 2.60
N GLY A 319 -6.15 39.71 2.33
CA GLY A 319 -7.08 39.94 1.24
C GLY A 319 -8.52 39.68 1.65
N TYR A 320 -8.70 38.95 2.74
CA TYR A 320 -10.02 38.69 3.31
C TYR A 320 -10.20 39.52 4.57
N LYS A 321 -11.44 39.78 4.92
CA LYS A 321 -11.76 40.61 6.08
C LYS A 321 -11.92 39.70 7.30
N ALA A 322 -11.66 40.24 8.49
CA ALA A 322 -11.64 39.43 9.71
C ALA A 322 -13.03 39.24 10.32
N SER A 323 -13.89 38.50 9.62
CA SER A 323 -15.20 38.11 10.14
C SER A 323 -15.37 36.61 10.00
N ILE A 324 -16.45 36.08 10.58
CA ILE A 324 -16.73 34.67 10.48
C ILE A 324 -16.97 34.30 9.01
N GLN A 325 -17.63 35.19 8.29
CA GLN A 325 -17.83 35.02 6.84
C GLN A 325 -16.50 35.12 6.11
N GLY A 326 -15.68 36.09 6.50
CA GLY A 326 -14.39 36.32 5.86
C GLY A 326 -13.46 35.15 6.06
N GLN A 327 -13.58 34.50 7.22
CA GLN A 327 -12.79 33.31 7.51
C GLN A 327 -13.23 32.16 6.61
N ALA A 328 -14.54 31.97 6.52
CA ALA A 328 -15.10 30.88 5.73
C ALA A 328 -14.83 31.07 4.25
N SER A 329 -14.94 32.32 3.79
CA SER A 329 -14.69 32.64 2.39
C SER A 329 -13.26 32.26 2.01
N PHE A 330 -12.32 32.55 2.91
CA PHE A 330 -10.93 32.21 2.67
C PHE A 330 -10.70 30.71 2.56
N ILE A 331 -11.30 29.94 3.48
CA ILE A 331 -11.12 28.51 3.52
C ILE A 331 -11.68 27.84 2.26
N ARG A 332 -12.91 28.20 1.90
CA ARG A 332 -13.54 27.66 0.70
C ARG A 332 -12.70 27.96 -0.53
N ASP A 333 -12.15 29.17 -0.59
CA ASP A 333 -11.37 29.60 -1.75
C ASP A 333 -10.00 28.91 -1.79
N LEU A 334 -9.47 28.55 -0.63
CA LEU A 334 -8.22 27.82 -0.55
C LEU A 334 -8.41 26.39 -1.04
N ILE A 335 -9.51 25.76 -0.62
CA ILE A 335 -9.87 24.43 -1.08
C ILE A 335 -10.09 24.45 -2.59
N ALA A 336 -10.76 25.49 -3.07
CA ALA A 336 -11.03 25.65 -4.49
C ALA A 336 -9.73 25.87 -5.26
N ALA A 337 -8.92 26.81 -4.78
CA ALA A 337 -7.65 27.13 -5.43
C ALA A 337 -6.75 25.91 -5.50
N LEU A 338 -6.70 25.14 -4.42
CA LEU A 338 -5.84 23.96 -4.36
C LEU A 338 -6.29 22.89 -5.36
N TYR A 339 -7.59 22.65 -5.43
CA TYR A 339 -8.12 21.59 -6.28
C TYR A 339 -8.14 21.99 -7.75
N GLU A 340 -8.47 23.24 -8.01
CA GLU A 340 -8.56 23.73 -9.40
C GLU A 340 -7.21 23.72 -10.09
N GLU A 341 -6.14 23.82 -9.30
CA GLU A 341 -4.78 23.81 -9.83
C GLU A 341 -4.10 22.47 -9.57
N GLY A 342 -4.31 21.95 -8.36
CA GLY A 342 -3.70 20.69 -7.96
C GLY A 342 -4.23 19.51 -8.76
N LYS A 343 -5.44 19.66 -9.29
CA LYS A 343 -6.07 18.60 -10.08
C LYS A 343 -6.15 17.29 -9.28
N ASP A 344 -5.55 16.23 -9.81
CA ASP A 344 -5.58 14.93 -9.16
C ASP A 344 -4.47 14.76 -8.12
N LYS A 345 -3.59 15.75 -8.03
CA LYS A 345 -2.54 15.75 -7.01
C LYS A 345 -2.93 16.60 -5.81
N ALA A 346 -4.06 17.28 -5.91
CA ALA A 346 -4.61 18.03 -4.78
C ALA A 346 -5.05 17.05 -3.70
N LEU A 347 -4.48 17.21 -2.51
CA LEU A 347 -4.72 16.29 -1.41
C LEU A 347 -5.71 16.89 -0.42
N GLY A 348 -5.42 18.11 0.01
CA GLY A 348 -6.33 18.86 0.87
C GLY A 348 -5.65 19.85 1.78
N ILE A 349 -6.30 20.12 2.92
CA ILE A 349 -5.85 21.18 3.82
C ILE A 349 -6.04 20.81 5.29
N PHE A 350 -5.26 21.43 6.15
CA PHE A 350 -5.48 21.38 7.59
C PHE A 350 -5.56 22.79 8.16
N TYR A 351 -6.68 23.13 8.79
CA TYR A 351 -6.81 24.41 9.45
C TYR A 351 -6.12 24.35 10.80
N TRP A 352 -5.10 25.20 10.99
CA TRP A 352 -4.27 25.14 12.19
C TRP A 352 -4.82 26.01 13.32
N GLY A 353 -4.80 25.48 14.53
CA GLY A 353 -5.30 26.20 15.69
C GLY A 353 -6.81 26.24 15.71
N ALA A 354 -7.43 25.23 15.11
CA ALA A 354 -8.88 25.18 14.97
C ALA A 354 -9.59 25.04 16.30
N THR A 355 -8.95 24.32 17.23
CA THR A 355 -9.56 24.01 18.52
C THR A 355 -8.94 24.82 19.66
N TRP A 356 -8.10 25.78 19.31
CA TRP A 356 -7.35 26.53 20.31
C TRP A 356 -8.23 27.64 20.91
N ILE A 357 -9.20 27.23 21.74
CA ILE A 357 -10.08 28.18 22.40
C ILE A 357 -9.40 28.77 23.63
N PRO A 358 -9.84 29.97 24.06
CA PRO A 358 -9.21 30.57 25.24
C PRO A 358 -9.60 29.84 26.52
N TYR A 359 -8.61 29.40 27.28
CA TYR A 359 -8.86 28.74 28.56
C TYR A 359 -7.66 28.91 29.49
N PRO A 360 -7.92 29.18 30.78
CA PRO A 360 -6.82 29.27 31.74
C PRO A 360 -5.93 28.03 31.75
N GLY A 361 -4.64 28.22 31.47
CA GLY A 361 -3.69 27.12 31.49
C GLY A 361 -3.37 26.57 30.12
N ALA A 362 -4.19 26.92 29.14
CA ALA A 362 -4.03 26.42 27.77
C ALA A 362 -3.47 27.50 26.84
N GLY A 363 -2.49 28.26 27.34
CA GLY A 363 -1.84 29.28 26.54
C GLY A 363 -0.81 28.68 25.62
N TRP A 364 -0.10 29.54 24.90
CA TRP A 364 0.95 29.11 23.97
C TRP A 364 2.21 28.71 24.73
N LYS A 365 2.24 29.06 26.02
CA LYS A 365 3.41 28.84 26.85
C LYS A 365 2.95 28.75 28.29
N THR A 366 3.68 28.00 29.12
CA THR A 366 3.37 27.93 30.54
C THR A 366 3.44 29.32 31.15
N GLY A 367 2.33 29.75 31.73
CA GLY A 367 2.26 31.05 32.38
C GLY A 367 1.68 32.14 31.50
N GLU A 368 1.80 31.98 30.19
CA GLU A 368 1.28 32.97 29.24
C GLU A 368 -0.02 32.47 28.63
N GLY A 369 -0.65 33.32 27.81
CA GLY A 369 -1.98 33.06 27.30
C GLY A 369 -2.05 32.65 25.84
N ASN A 370 -3.24 32.85 25.26
CA ASN A 370 -3.51 32.45 23.89
C ASN A 370 -3.36 33.62 22.91
N PRO A 371 -2.54 33.45 21.85
CA PRO A 371 -2.41 34.47 20.81
C PRO A 371 -3.15 34.13 19.52
N TRP A 372 -4.06 33.15 19.58
CA TRP A 372 -4.62 32.56 18.37
C TRP A 372 -6.14 32.37 18.40
N GLU A 373 -6.77 32.71 19.52
CA GLU A 373 -8.17 32.34 19.72
C GLU A 373 -9.11 33.02 18.71
N ASN A 374 -8.68 34.13 18.14
CA ASN A 374 -9.48 34.82 17.13
C ASN A 374 -9.26 34.21 15.75
N GLN A 375 -8.48 33.14 15.70
CA GLN A 375 -8.25 32.39 14.47
C GLN A 375 -8.71 30.95 14.57
N ALA A 376 -9.30 30.58 15.70
CA ALA A 376 -9.85 29.24 15.88
C ALA A 376 -11.19 29.15 15.14
N LEU A 377 -11.73 27.94 15.04
CA LEU A 377 -13.03 27.73 14.42
C LEU A 377 -14.13 27.64 15.47
N PHE A 378 -13.77 27.92 16.72
CA PHE A 378 -14.70 28.02 17.83
C PHE A 378 -14.55 29.39 18.48
N ASP A 379 -15.63 29.92 19.06
CA ASP A 379 -15.55 31.22 19.72
C ASP A 379 -14.97 31.07 21.12
N PHE A 380 -14.91 32.17 21.85
CA PHE A 380 -14.28 32.20 23.18
C PHE A 380 -15.04 31.33 24.17
N ASN A 381 -16.34 31.19 23.94
CA ASN A 381 -17.18 30.35 24.81
C ASN A 381 -17.12 28.88 24.41
N GLY A 382 -16.25 28.56 23.45
CA GLY A 382 -16.04 27.19 23.04
C GLY A 382 -17.10 26.68 22.08
N ARG A 383 -17.97 27.59 21.63
CA ARG A 383 -19.05 27.22 20.73
C ARG A 383 -18.58 27.25 19.27
N ALA A 384 -19.04 26.27 18.50
CA ALA A 384 -18.65 26.15 17.10
C ALA A 384 -19.13 27.36 16.29
N LEU A 385 -18.18 28.00 15.61
CA LEU A 385 -18.52 29.10 14.71
C LEU A 385 -19.27 28.55 13.50
N PRO A 386 -20.18 29.35 12.93
CA PRO A 386 -20.92 28.87 11.76
C PRO A 386 -20.02 28.67 10.53
N SER A 387 -18.75 29.07 10.63
CA SER A 387 -17.80 28.88 9.54
C SER A 387 -17.14 27.51 9.60
N LEU A 388 -17.48 26.71 10.60
CA LEU A 388 -16.96 25.37 10.74
C LEU A 388 -17.62 24.44 9.73
N LYS A 389 -18.75 24.88 9.17
CA LYS A 389 -19.48 24.11 8.17
C LYS A 389 -18.86 24.25 6.79
N VAL A 390 -17.74 24.96 6.71
CA VAL A 390 -17.09 25.18 5.42
C VAL A 390 -16.57 23.86 4.85
N PHE A 391 -16.22 22.92 5.74
CA PHE A 391 -15.70 21.62 5.32
C PHE A 391 -16.82 20.67 4.90
N ARG A 392 -18.05 21.16 4.89
CA ARG A 392 -19.21 20.37 4.49
C ARG A 392 -19.99 21.08 3.40
N LEU A 393 -20.02 22.41 3.48
CA LEU A 393 -20.79 23.22 2.55
C LEU A 393 -20.05 23.46 1.23
N VAL A 394 -18.81 22.99 1.15
CA VAL A 394 -18.07 23.04 -0.11
C VAL A 394 -18.60 21.96 -1.07
N TYR A 395 -19.40 21.05 -0.52
CA TYR A 395 -20.08 20.03 -1.32
C TYR A 395 -21.53 20.42 -1.58
N GLU A 396 -22.23 19.61 -2.36
CA GLU A 396 -23.61 19.88 -2.72
C GLU A 396 -24.34 18.59 -3.11
N PRO B 37 -21.51 -28.33 -26.61
CA PRO B 37 -21.21 -27.34 -25.57
C PRO B 37 -21.42 -27.88 -24.16
N VAL B 38 -21.00 -27.10 -23.17
CA VAL B 38 -20.98 -27.54 -21.78
C VAL B 38 -22.11 -26.91 -20.97
N ILE B 39 -22.69 -27.71 -20.09
CA ILE B 39 -23.69 -27.23 -19.16
C ILE B 39 -23.01 -26.71 -17.91
N ILE B 40 -23.10 -25.40 -17.69
CA ILE B 40 -22.53 -24.77 -16.52
C ILE B 40 -23.61 -24.07 -15.70
N ASN B 41 -23.62 -24.35 -14.41
CA ASN B 41 -24.51 -23.66 -13.48
C ASN B 41 -23.82 -22.42 -12.95
N PRO B 42 -24.56 -21.31 -12.83
CA PRO B 42 -23.94 -20.09 -12.29
C PRO B 42 -23.51 -20.23 -10.83
N VAL B 43 -22.65 -19.33 -10.38
CA VAL B 43 -22.25 -19.26 -8.98
C VAL B 43 -22.90 -18.02 -8.36
N PRO B 44 -23.98 -18.21 -7.58
CA PRO B 44 -24.70 -17.07 -7.01
C PRO B 44 -23.83 -16.16 -6.15
N GLY B 45 -23.91 -14.86 -6.38
CA GLY B 45 -23.20 -13.89 -5.56
C GLY B 45 -21.72 -13.77 -5.89
N LEU B 46 -21.27 -14.51 -6.90
CA LEU B 46 -19.86 -14.49 -7.28
C LEU B 46 -19.44 -13.09 -7.71
N PRO B 47 -18.46 -12.49 -7.00
CA PRO B 47 -18.03 -11.13 -7.32
C PRO B 47 -17.54 -10.95 -8.76
N VAL B 48 -17.71 -9.75 -9.30
CA VAL B 48 -17.28 -9.44 -10.66
C VAL B 48 -15.75 -9.35 -10.71
N ASP B 49 -15.14 -9.14 -9.56
CA ASP B 49 -13.68 -9.00 -9.45
C ASP B 49 -13.03 -10.27 -8.92
N PHE B 50 -13.80 -11.36 -8.90
CA PHE B 50 -13.26 -12.67 -8.52
C PHE B 50 -12.14 -13.04 -9.48
N ILE B 51 -10.92 -13.08 -8.95
CA ILE B 51 -9.72 -13.28 -9.77
C ILE B 51 -9.78 -14.69 -10.36
N ARG B 52 -10.06 -14.75 -11.66
CA ARG B 52 -10.24 -16.02 -12.35
C ARG B 52 -9.29 -16.07 -13.53
N GLY B 53 -8.05 -16.46 -13.24
CA GLY B 53 -6.98 -16.40 -14.22
C GLY B 53 -6.53 -17.76 -14.70
N VAL B 54 -5.55 -17.75 -15.59
CA VAL B 54 -4.92 -18.97 -16.09
C VAL B 54 -3.41 -18.81 -16.04
N ASP B 55 -2.70 -19.92 -15.90
CA ASP B 55 -1.26 -19.90 -15.98
C ASP B 55 -0.84 -20.04 -17.44
N ALA B 56 -0.34 -18.94 -18.01
CA ALA B 56 0.07 -18.91 -19.42
C ALA B 56 1.59 -18.93 -19.52
N SER B 57 2.23 -19.74 -18.70
CA SER B 57 3.68 -19.78 -18.65
C SER B 57 4.29 -20.36 -19.92
N GLU B 58 3.56 -21.28 -20.56
CA GLU B 58 4.08 -21.96 -21.74
C GLU B 58 3.80 -21.18 -23.02
N ALA B 59 2.81 -20.28 -22.97
CA ALA B 59 2.33 -19.60 -24.17
C ALA B 59 3.43 -18.85 -24.95
N PRO B 60 4.20 -17.99 -24.26
CA PRO B 60 5.15 -17.16 -25.01
C PRO B 60 6.17 -17.97 -25.82
N TRP B 61 6.57 -19.12 -25.30
CA TRP B 61 7.53 -19.96 -26.00
C TRP B 61 6.86 -20.66 -27.18
N ILE B 62 5.60 -21.02 -27.01
CA ILE B 62 4.82 -21.66 -28.08
C ILE B 62 4.67 -20.71 -29.27
N ILE B 63 4.38 -19.44 -28.99
CA ILE B 63 4.11 -18.47 -30.06
C ILE B 63 5.36 -18.18 -30.88
N GLU B 64 6.52 -18.13 -30.22
CA GLU B 64 7.79 -17.92 -30.91
C GLU B 64 8.05 -19.03 -31.93
N LEU B 65 7.66 -20.25 -31.58
CA LEU B 65 7.90 -21.41 -32.42
C LEU B 65 6.93 -21.49 -33.59
N GLY B 66 5.89 -20.65 -33.55
CA GLY B 66 4.90 -20.59 -34.62
C GLY B 66 3.58 -21.23 -34.22
N GLY B 67 3.35 -21.33 -32.92
CA GLY B 67 2.09 -21.87 -32.43
C GLY B 67 0.95 -20.91 -32.70
N LYS B 68 -0.26 -21.45 -32.78
CA LYS B 68 -1.45 -20.64 -33.05
C LYS B 68 -2.59 -21.01 -32.11
N TYR B 69 -3.33 -19.99 -31.67
CA TYR B 69 -4.52 -20.19 -30.84
C TYR B 69 -5.76 -19.73 -31.59
N TYR B 70 -6.81 -20.55 -31.55
CA TYR B 70 -8.07 -20.23 -32.23
C TYR B 70 -9.21 -20.19 -31.22
N ASP B 71 -10.19 -19.32 -31.47
CA ASP B 71 -11.35 -19.23 -30.61
C ASP B 71 -12.35 -20.32 -30.95
N GLU B 72 -13.53 -20.27 -30.34
CA GLU B 72 -14.55 -21.30 -30.54
C GLU B 72 -15.03 -21.38 -31.99
N ASN B 73 -14.75 -20.33 -32.76
CA ASN B 73 -15.15 -20.28 -34.16
C ASN B 73 -14.04 -20.78 -35.10
N GLY B 74 -12.87 -21.06 -34.54
CA GLY B 74 -11.75 -21.54 -35.32
C GLY B 74 -11.01 -20.41 -36.00
N VAL B 75 -11.14 -19.21 -35.45
CA VAL B 75 -10.49 -18.03 -35.99
C VAL B 75 -9.18 -17.76 -35.25
N GLU B 76 -8.08 -17.63 -36.00
CA GLU B 76 -6.80 -17.30 -35.41
C GLU B 76 -6.84 -15.90 -34.79
N ARG B 77 -6.51 -15.82 -33.51
CA ARG B 77 -6.53 -14.55 -32.78
C ARG B 77 -5.44 -14.53 -31.72
N ASP B 78 -5.19 -13.34 -31.18
CA ASP B 78 -4.26 -13.20 -30.06
C ASP B 78 -4.79 -13.98 -28.87
N LEU B 79 -3.91 -14.74 -28.22
CA LEU B 79 -4.30 -15.58 -27.10
C LEU B 79 -4.96 -14.78 -25.97
N LEU B 80 -4.40 -13.62 -25.66
CA LEU B 80 -4.91 -12.80 -24.58
C LEU B 80 -6.31 -12.27 -24.89
N ASP B 81 -6.62 -12.11 -26.16
CA ASP B 81 -7.95 -11.66 -26.57
C ASP B 81 -8.96 -12.80 -26.42
N ILE B 82 -8.54 -14.02 -26.74
CA ILE B 82 -9.40 -15.19 -26.58
C ILE B 82 -9.72 -15.40 -25.10
N LEU B 83 -8.70 -15.30 -24.26
CA LEU B 83 -8.86 -15.51 -22.83
C LEU B 83 -9.76 -14.45 -22.21
N LYS B 84 -9.52 -13.19 -22.54
CA LYS B 84 -10.29 -12.08 -21.98
C LYS B 84 -11.78 -12.25 -22.26
N GLU B 85 -12.09 -12.74 -23.45
CA GLU B 85 -13.48 -12.86 -23.88
C GLU B 85 -14.18 -14.06 -23.25
N ASN B 86 -13.41 -15.02 -22.77
CA ASN B 86 -13.99 -16.22 -22.13
C ASN B 86 -14.19 -16.03 -20.63
N GLY B 87 -13.66 -14.93 -20.09
CA GLY B 87 -13.88 -14.57 -18.71
C GLY B 87 -12.60 -14.46 -17.90
N VAL B 88 -11.47 -14.79 -18.52
CA VAL B 88 -10.18 -14.69 -17.85
C VAL B 88 -9.79 -13.24 -17.64
N ASN B 89 -9.40 -12.89 -16.42
CA ASN B 89 -9.01 -11.52 -16.08
C ASN B 89 -7.69 -11.45 -15.32
N TRP B 90 -7.02 -12.60 -15.18
CA TRP B 90 -5.73 -12.66 -14.52
C TRP B 90 -4.79 -13.63 -15.24
N ILE B 91 -3.49 -13.39 -15.13
CA ILE B 91 -2.48 -14.26 -15.72
C ILE B 91 -1.42 -14.61 -14.69
N ARG B 92 -1.04 -15.88 -14.66
CA ARG B 92 0.02 -16.35 -13.76
C ARG B 92 1.21 -16.82 -14.60
N LEU B 93 2.41 -16.37 -14.21
CA LEU B 93 3.63 -16.70 -14.92
C LEU B 93 4.73 -17.08 -13.93
N ARG B 94 5.44 -18.17 -14.22
CA ARG B 94 6.59 -18.55 -13.42
C ARG B 94 7.84 -17.97 -14.03
N VAL B 95 8.83 -17.67 -13.20
CA VAL B 95 10.10 -17.10 -13.66
C VAL B 95 11.26 -17.90 -13.07
N TRP B 96 12.22 -18.24 -13.94
CA TRP B 96 13.42 -18.95 -13.52
C TRP B 96 14.64 -18.07 -13.63
N ASN B 97 15.57 -18.28 -12.71
CA ASN B 97 16.79 -17.48 -12.65
C ASN B 97 17.63 -17.64 -13.91
N ASP B 98 17.91 -18.88 -14.27
CA ASP B 98 18.73 -19.17 -15.45
C ASP B 98 18.39 -20.54 -16.03
N PRO B 99 17.27 -20.65 -16.74
CA PRO B 99 16.85 -21.95 -17.30
C PRO B 99 17.71 -22.43 -18.47
N TYR B 100 19.03 -22.26 -18.36
CA TYR B 100 19.98 -22.72 -19.36
C TYR B 100 21.17 -23.39 -18.69
N ASP B 101 21.76 -24.38 -19.34
CA ASP B 101 22.94 -25.04 -18.81
C ASP B 101 24.19 -24.20 -19.09
N GLU B 102 25.37 -24.74 -18.76
CA GLU B 102 26.61 -23.99 -18.93
C GLU B 102 26.89 -23.72 -20.41
N GLN B 103 26.45 -24.63 -21.27
CA GLN B 103 26.69 -24.50 -22.71
C GLN B 103 25.68 -23.53 -23.34
N GLY B 104 24.62 -23.22 -22.61
CA GLY B 104 23.68 -22.18 -23.02
C GLY B 104 22.40 -22.68 -23.68
N ARG B 105 22.10 -23.97 -23.50
CA ARG B 105 20.93 -24.57 -24.12
C ARG B 105 19.73 -24.55 -23.18
N PRO B 106 18.53 -24.27 -23.71
CA PRO B 106 17.34 -24.18 -22.84
C PRO B 106 17.01 -25.50 -22.14
N TYR B 107 16.48 -25.40 -20.92
CA TYR B 107 16.02 -26.57 -20.18
C TYR B 107 14.70 -27.09 -20.75
N GLY B 108 13.91 -26.17 -21.31
CA GLY B 108 12.59 -26.50 -21.80
C GLY B 108 11.52 -26.04 -20.83
N GLY B 109 10.33 -26.63 -20.94
CA GLY B 109 9.23 -26.29 -20.06
C GLY B 109 8.82 -24.83 -20.18
N GLY B 110 8.79 -24.32 -21.41
CA GLY B 110 8.38 -22.95 -21.66
C GLY B 110 9.51 -21.96 -21.62
N ASN B 111 10.68 -22.40 -21.17
CA ASN B 111 11.88 -21.55 -21.12
C ASN B 111 11.56 -20.21 -20.46
N CYS B 112 11.03 -20.27 -19.24
CA CYS B 112 10.49 -19.10 -18.57
C CYS B 112 11.56 -18.29 -17.84
N ASP B 113 12.44 -17.64 -18.60
CA ASP B 113 13.39 -16.70 -18.02
C ASP B 113 12.70 -15.35 -17.89
N LEU B 114 13.35 -14.41 -17.20
CA LEU B 114 12.71 -13.15 -16.84
C LEU B 114 12.29 -12.32 -18.06
N PRO B 115 13.16 -12.21 -19.08
CA PRO B 115 12.76 -11.38 -20.23
C PRO B 115 11.54 -11.93 -20.98
N ARG B 116 11.46 -13.25 -21.11
CA ARG B 116 10.36 -13.89 -21.84
C ARG B 116 9.02 -13.61 -21.16
N MET B 117 8.97 -13.88 -19.86
CA MET B 117 7.75 -13.75 -19.10
C MET B 117 7.34 -12.29 -18.91
N THR B 118 8.33 -11.41 -18.76
CA THR B 118 8.07 -9.99 -18.57
C THR B 118 7.42 -9.41 -19.83
N ASP B 119 7.91 -9.83 -20.98
CA ASP B 119 7.34 -9.39 -22.27
C ASP B 119 5.87 -9.77 -22.36
N PHE B 120 5.54 -10.98 -21.94
CA PHE B 120 4.16 -11.45 -21.98
C PHE B 120 3.32 -10.79 -20.90
N ALA B 121 3.94 -10.49 -19.77
CA ALA B 121 3.26 -9.85 -18.66
C ALA B 121 2.83 -8.43 -19.01
N ALA B 122 3.75 -7.67 -19.61
CA ALA B 122 3.45 -6.31 -20.04
C ALA B 122 2.28 -6.32 -21.02
N LYS B 123 2.22 -7.35 -21.86
CA LYS B 123 1.20 -7.47 -22.87
C LYS B 123 -0.15 -7.76 -22.23
N ALA B 124 -0.11 -8.41 -21.06
CA ALA B 124 -1.32 -8.75 -20.33
C ALA B 124 -1.93 -7.52 -19.65
N LYS B 125 -1.08 -6.72 -19.01
CA LYS B 125 -1.56 -5.53 -18.31
C LYS B 125 -2.18 -4.54 -19.29
N ALA B 126 -1.61 -4.47 -20.48
CA ALA B 126 -2.12 -3.58 -21.52
C ALA B 126 -3.54 -3.97 -21.92
N LYS B 127 -3.88 -5.24 -21.71
CA LYS B 127 -5.21 -5.75 -22.01
C LYS B 127 -6.13 -5.69 -20.79
N GLY B 128 -5.57 -5.30 -19.64
CA GLY B 128 -6.35 -5.13 -18.42
C GLY B 128 -6.33 -6.34 -17.50
N PHE B 129 -5.42 -7.27 -17.76
CA PHE B 129 -5.27 -8.46 -16.92
C PHE B 129 -4.54 -8.14 -15.63
N GLY B 130 -4.80 -8.93 -14.60
CA GLY B 130 -3.96 -8.93 -13.41
C GLY B 130 -2.85 -9.94 -13.61
N VAL B 131 -1.72 -9.74 -12.92
CA VAL B 131 -0.55 -10.59 -13.13
C VAL B 131 0.01 -11.12 -11.83
N LEU B 132 0.01 -12.45 -11.69
CA LEU B 132 0.67 -13.13 -10.59
C LEU B 132 1.99 -13.74 -11.07
N ILE B 133 3.07 -13.41 -10.38
CA ILE B 133 4.38 -13.92 -10.75
C ILE B 133 4.88 -14.94 -9.74
N ASP B 134 5.31 -16.09 -10.25
CA ASP B 134 5.78 -17.19 -9.42
C ASP B 134 7.29 -17.36 -9.51
N PHE B 135 8.01 -16.69 -8.63
CA PHE B 135 9.45 -16.89 -8.50
C PHE B 135 9.73 -18.24 -7.87
N HIS B 136 10.11 -19.23 -8.68
CA HIS B 136 10.50 -20.53 -8.16
C HIS B 136 11.78 -20.43 -7.35
N TYR B 137 12.55 -19.38 -7.60
CA TYR B 137 13.88 -19.22 -7.01
C TYR B 137 14.71 -20.46 -7.33
N SER B 138 14.72 -20.81 -8.61
CA SER B 138 15.47 -21.94 -9.13
C SER B 138 15.65 -21.74 -10.64
N ASP B 139 16.51 -22.55 -11.25
CA ASP B 139 16.73 -22.46 -12.69
C ASP B 139 15.72 -23.32 -13.45
N TRP B 140 15.11 -24.28 -12.77
CA TRP B 140 14.04 -25.08 -13.39
C TRP B 140 12.95 -25.46 -12.39
N TRP B 141 12.15 -26.46 -12.73
CA TRP B 141 10.98 -26.84 -11.96
C TRP B 141 11.25 -26.97 -10.47
N ALA B 142 10.40 -26.36 -9.67
CA ALA B 142 10.48 -26.45 -8.22
C ALA B 142 9.15 -26.91 -7.64
N ASP B 143 9.22 -27.81 -6.67
CA ASP B 143 8.06 -28.35 -5.97
C ASP B 143 8.57 -29.05 -4.70
N PRO B 144 7.67 -29.55 -3.83
CA PRO B 144 8.16 -30.13 -2.57
C PRO B 144 9.13 -31.32 -2.69
N SER B 145 9.39 -31.83 -3.90
CA SER B 145 10.34 -32.92 -4.08
C SER B 145 11.69 -32.42 -4.61
N LYS B 146 11.71 -31.17 -5.07
CA LYS B 146 12.94 -30.58 -5.60
C LYS B 146 12.89 -29.05 -5.53
N GLN B 147 13.85 -28.48 -4.79
CA GLN B 147 14.00 -27.04 -4.66
C GLN B 147 15.45 -26.68 -4.86
N SER B 148 15.98 -26.99 -6.04
CA SER B 148 17.38 -26.74 -6.33
C SER B 148 17.67 -25.25 -6.41
N LYS B 149 18.78 -24.83 -5.81
CA LYS B 149 19.18 -23.44 -5.90
C LYS B 149 19.62 -23.14 -7.32
N PRO B 150 19.57 -21.87 -7.74
CA PRO B 150 20.17 -21.51 -9.02
C PRO B 150 21.66 -21.84 -9.02
N LYS B 151 22.19 -22.24 -10.17
CA LYS B 151 23.59 -22.66 -10.27
C LYS B 151 24.55 -21.61 -9.72
N ALA B 152 24.19 -20.34 -9.89
CA ALA B 152 25.04 -19.24 -9.45
C ALA B 152 24.97 -19.04 -7.94
N TRP B 153 23.99 -19.66 -7.30
CA TRP B 153 23.77 -19.53 -5.86
C TRP B 153 24.23 -20.77 -5.09
N ALA B 154 24.79 -21.74 -5.81
CA ALA B 154 25.05 -23.06 -5.25
C ALA B 154 26.07 -23.02 -4.12
N ASN B 155 27.14 -22.25 -4.30
CA ASN B 155 28.24 -22.22 -3.36
C ASN B 155 28.19 -21.02 -2.42
N LEU B 156 27.15 -20.21 -2.54
CA LEU B 156 26.95 -19.07 -1.65
C LEU B 156 26.61 -19.54 -0.25
N SER B 157 27.27 -18.97 0.75
CA SER B 157 26.93 -19.23 2.14
C SER B 157 25.55 -18.64 2.41
N TYR B 158 24.99 -18.96 3.59
CA TYR B 158 23.66 -18.49 3.93
C TYR B 158 23.53 -16.97 3.92
N PRO B 159 24.41 -16.25 4.63
CA PRO B 159 24.28 -14.79 4.63
C PRO B 159 24.53 -14.18 3.25
N GLU B 160 25.35 -14.85 2.44
CA GLU B 160 25.55 -14.41 1.06
C GLU B 160 24.32 -14.74 0.22
N LEU B 161 23.67 -15.85 0.56
CA LEU B 161 22.48 -16.28 -0.15
C LEU B 161 21.30 -15.36 0.16
N VAL B 162 21.20 -14.93 1.41
CA VAL B 162 20.18 -13.99 1.81
C VAL B 162 20.27 -12.72 0.98
N GLU B 163 21.49 -12.21 0.83
CA GLU B 163 21.73 -11.00 0.06
C GLU B 163 21.50 -11.25 -1.44
N ALA B 164 21.71 -12.49 -1.87
CA ALA B 164 21.47 -12.86 -3.26
C ALA B 164 19.98 -12.90 -3.57
N VAL B 165 19.19 -13.45 -2.65
CA VAL B 165 17.75 -13.53 -2.82
C VAL B 165 17.14 -12.15 -2.91
N TYR B 166 17.61 -11.25 -2.05
CA TYR B 166 17.09 -9.89 -2.02
C TYR B 166 17.40 -9.16 -3.32
N ASN B 167 18.68 -9.15 -3.68
CA ASN B 167 19.15 -8.37 -4.81
C ASN B 167 18.55 -8.85 -6.14
N TRP B 168 18.33 -10.15 -6.27
CA TRP B 168 17.74 -10.69 -7.48
C TRP B 168 16.26 -10.35 -7.56
N THR B 169 15.59 -10.38 -6.41
CA THR B 169 14.16 -10.09 -6.35
C THR B 169 13.91 -8.62 -6.65
N TYR B 170 14.82 -7.77 -6.20
CA TYR B 170 14.69 -6.34 -6.42
C TYR B 170 14.92 -5.99 -7.89
N ASN B 171 16.08 -6.39 -8.42
CA ASN B 171 16.44 -6.07 -9.80
C ASN B 171 15.48 -6.70 -10.80
N ALA B 172 14.94 -7.87 -10.46
CA ALA B 172 14.00 -8.55 -11.32
C ALA B 172 12.70 -7.76 -11.43
N LEU B 173 12.18 -7.33 -10.28
CA LEU B 173 10.95 -6.55 -10.27
C LEU B 173 11.16 -5.15 -10.85
N LYS B 174 12.36 -4.60 -10.62
CA LYS B 174 12.71 -3.31 -11.16
C LYS B 174 12.89 -3.37 -12.67
N TYR B 175 13.39 -4.49 -13.16
CA TYR B 175 13.46 -4.72 -14.60
C TYR B 175 12.06 -4.90 -15.15
N MET B 176 11.20 -5.48 -14.32
CA MET B 176 9.83 -5.79 -14.69
C MET B 176 8.95 -4.54 -14.76
N ALA B 177 9.13 -3.64 -13.80
CA ALA B 177 8.35 -2.42 -13.72
C ALA B 177 8.58 -1.50 -14.92
N GLU B 178 9.84 -1.44 -15.36
CA GLU B 178 10.25 -0.50 -16.40
C GLU B 178 9.98 -1.05 -17.79
N HIS B 179 9.24 -2.15 -17.84
CA HIS B 179 8.65 -2.66 -19.07
C HIS B 179 7.12 -2.64 -18.93
N ASN B 180 6.64 -1.95 -17.90
CA ASN B 180 5.22 -1.87 -17.59
C ASN B 180 4.60 -3.25 -17.40
N ALA B 181 5.30 -4.08 -16.63
CA ALA B 181 4.84 -5.44 -16.35
C ALA B 181 4.91 -5.73 -14.86
N LEU B 182 4.91 -4.68 -14.04
CA LEU B 182 5.02 -4.83 -12.60
C LEU B 182 3.88 -5.72 -12.10
N PRO B 183 4.21 -6.82 -11.39
CA PRO B 183 3.15 -7.75 -10.97
C PRO B 183 2.25 -7.18 -9.88
N ASP B 184 0.96 -7.46 -9.98
CA ASP B 184 0.01 -7.10 -8.93
C ASP B 184 0.28 -7.97 -7.69
N MET B 185 0.58 -9.24 -7.93
CA MET B 185 0.94 -10.17 -6.85
C MET B 185 2.26 -10.88 -7.18
N VAL B 186 3.02 -11.19 -6.13
CA VAL B 186 4.28 -11.90 -6.26
C VAL B 186 4.30 -13.10 -5.31
N GLN B 187 4.49 -14.27 -5.89
CA GLN B 187 4.50 -15.52 -5.14
C GLN B 187 5.94 -15.91 -4.78
N ILE B 188 6.20 -16.02 -3.48
CA ILE B 188 7.53 -16.27 -2.97
C ILE B 188 7.82 -17.77 -2.90
N GLY B 189 8.49 -18.28 -3.93
CA GLY B 189 8.73 -19.71 -4.04
C GLY B 189 7.52 -20.41 -4.60
N ASN B 190 7.69 -21.62 -5.10
CA ASN B 190 6.58 -22.38 -5.66
C ASN B 190 6.36 -23.68 -4.88
N GLU B 191 5.22 -23.77 -4.21
CA GLU B 191 4.91 -24.91 -3.36
C GLU B 191 6.05 -25.15 -2.38
N ILE B 192 6.18 -24.25 -1.41
CA ILE B 192 7.32 -24.27 -0.49
C ILE B 192 6.98 -25.09 0.76
N ASN B 193 6.20 -26.14 0.55
CA ASN B 193 5.82 -27.10 1.60
C ASN B 193 7.01 -27.57 2.44
N ASN B 194 8.10 -27.94 1.77
CA ASN B 194 9.31 -28.40 2.42
C ASN B 194 10.42 -27.39 2.24
N GLY B 195 10.04 -26.11 2.22
CA GLY B 195 10.99 -25.02 2.04
C GLY B 195 11.40 -24.85 0.59
N PHE B 196 12.46 -24.07 0.38
CA PHE B 196 13.03 -23.85 -0.95
C PHE B 196 14.51 -23.52 -0.83
N LEU B 197 15.22 -23.51 -1.95
CA LEU B 197 16.66 -23.22 -1.95
C LEU B 197 17.41 -24.19 -1.03
N TRP B 198 17.35 -25.48 -1.37
CA TRP B 198 17.86 -26.51 -0.47
C TRP B 198 19.38 -26.63 -0.49
N PRO B 199 19.96 -27.04 0.65
CA PRO B 199 19.28 -27.39 1.90
C PRO B 199 19.03 -26.20 2.83
N ASP B 200 19.66 -25.07 2.53
CA ASP B 200 19.67 -23.90 3.42
C ASP B 200 18.26 -23.52 3.92
N GLY B 201 17.29 -23.53 3.03
CA GLY B 201 15.90 -23.25 3.39
C GLY B 201 15.03 -24.48 3.28
N SER B 202 15.26 -25.45 4.16
CA SER B 202 14.64 -26.77 4.04
C SER B 202 13.57 -27.04 5.11
N ALA B 203 13.05 -25.98 5.73
CA ALA B 203 12.06 -26.12 6.80
C ALA B 203 12.62 -26.83 8.03
N ALA B 204 13.41 -27.88 7.82
CA ALA B 204 14.21 -28.47 8.89
C ALA B 204 15.18 -27.42 9.43
N ASN B 205 15.72 -26.61 8.52
CA ASN B 205 16.49 -25.43 8.87
C ASN B 205 15.59 -24.20 8.84
N TRP B 206 14.65 -24.16 9.78
CA TRP B 206 13.55 -23.21 9.73
C TRP B 206 14.01 -21.75 9.77
N THR B 207 14.82 -21.39 10.77
CA THR B 207 15.23 -20.01 10.95
C THR B 207 15.98 -19.50 9.73
N GLN B 208 16.66 -20.40 9.03
CA GLN B 208 17.34 -20.06 7.79
C GLN B 208 16.34 -19.89 6.65
N PHE B 209 15.35 -20.77 6.62
CA PHE B 209 14.30 -20.71 5.61
C PHE B 209 13.48 -19.42 5.76
N VAL B 210 13.26 -19.00 7.00
CA VAL B 210 12.50 -17.78 7.29
C VAL B 210 13.26 -16.53 6.84
N GLY B 211 14.56 -16.48 7.14
CA GLY B 211 15.37 -15.32 6.78
C GLY B 211 15.44 -15.12 5.28
N LEU B 212 15.60 -16.21 4.55
CA LEU B 212 15.61 -16.18 3.09
C LEU B 212 14.27 -15.70 2.56
N LEU B 213 13.20 -16.13 3.24
CA LEU B 213 11.85 -15.73 2.87
C LEU B 213 11.71 -14.23 3.06
N LYS B 214 12.00 -13.77 4.27
CA LYS B 214 11.89 -12.35 4.63
C LYS B 214 12.72 -11.47 3.70
N ALA B 215 13.86 -11.97 3.25
CA ALA B 215 14.73 -11.23 2.34
C ALA B 215 14.01 -10.97 1.02
N ALA B 216 13.19 -11.93 0.61
CA ALA B 216 12.41 -11.78 -0.61
C ALA B 216 11.28 -10.78 -0.39
N ILE B 217 10.57 -10.93 0.73
CA ILE B 217 9.48 -10.01 1.07
C ILE B 217 10.01 -8.58 1.06
N SER B 218 11.16 -8.37 1.69
CA SER B 218 11.75 -7.04 1.82
C SER B 218 11.94 -6.37 0.46
N ALA B 219 12.49 -7.12 -0.49
CA ALA B 219 12.76 -6.59 -1.83
C ALA B 219 11.47 -6.23 -2.55
N VAL B 220 10.45 -7.07 -2.41
CA VAL B 220 9.16 -6.84 -3.07
C VAL B 220 8.56 -5.50 -2.66
N LYS B 221 8.67 -5.15 -1.39
CA LYS B 221 8.05 -3.94 -0.86
C LYS B 221 8.99 -2.74 -0.97
N ASP B 222 10.27 -3.00 -1.24
CA ASP B 222 11.22 -1.92 -1.51
C ASP B 222 10.99 -1.36 -2.91
N VAL B 223 10.45 -2.20 -3.79
CA VAL B 223 10.07 -1.76 -5.13
C VAL B 223 8.68 -1.14 -5.09
N ASN B 224 7.75 -1.83 -4.43
CA ASN B 224 6.38 -1.35 -4.28
C ASN B 224 5.67 -2.05 -3.12
N PRO B 225 5.21 -1.27 -2.11
CA PRO B 225 4.53 -1.92 -0.99
C PRO B 225 3.15 -2.47 -1.35
N ASN B 226 2.54 -1.94 -2.41
CA ASN B 226 1.19 -2.35 -2.80
C ASN B 226 1.17 -3.72 -3.48
N ILE B 227 2.35 -4.28 -3.73
CA ILE B 227 2.43 -5.63 -4.29
C ILE B 227 2.08 -6.64 -3.22
N LYS B 228 1.24 -7.61 -3.58
CA LYS B 228 0.71 -8.57 -2.62
C LYS B 228 1.61 -9.80 -2.50
N ILE B 229 1.88 -10.21 -1.26
CA ILE B 229 2.75 -11.34 -0.98
C ILE B 229 1.94 -12.62 -0.88
N VAL B 230 2.38 -13.63 -1.63
CA VAL B 230 1.66 -14.89 -1.74
C VAL B 230 2.54 -16.05 -1.28
N ILE B 231 2.10 -16.72 -0.21
CA ILE B 231 2.73 -17.95 0.25
C ILE B 231 1.96 -19.11 -0.37
N HIS B 232 2.69 -20.01 -1.01
CA HIS B 232 2.10 -21.02 -1.88
C HIS B 232 2.44 -22.44 -1.41
N LEU B 233 1.41 -23.20 -1.08
CA LEU B 233 1.58 -24.59 -0.61
C LEU B 233 0.84 -25.57 -1.50
N ALA B 234 1.33 -26.82 -1.52
CA ALA B 234 0.72 -27.89 -2.28
C ALA B 234 -0.14 -28.76 -1.38
N GLY B 235 -1.19 -29.34 -1.95
CA GLY B 235 -2.06 -30.23 -1.22
C GLY B 235 -3.14 -29.49 -0.45
N VAL B 236 -3.97 -30.24 0.27
CA VAL B 236 -5.07 -29.66 1.03
C VAL B 236 -5.15 -30.26 2.44
N LYS B 237 -4.03 -30.82 2.90
CA LYS B 237 -3.96 -31.35 4.26
C LYS B 237 -4.02 -30.19 5.25
N ALA B 238 -5.19 -30.04 5.89
CA ALA B 238 -5.49 -28.88 6.72
C ALA B 238 -4.54 -28.72 7.91
N ASP B 239 -4.29 -29.81 8.62
CA ASP B 239 -3.46 -29.76 9.82
C ASP B 239 -2.03 -29.31 9.47
N PHE B 240 -1.62 -29.56 8.23
CA PHE B 240 -0.30 -29.12 7.78
C PHE B 240 -0.28 -27.61 7.54
N TYR B 241 -1.34 -27.12 6.89
CA TYR B 241 -1.46 -25.69 6.63
C TYR B 241 -1.48 -24.93 7.95
N ILE B 242 -2.24 -25.44 8.92
CA ILE B 242 -2.29 -24.83 10.24
C ILE B 242 -0.89 -24.71 10.84
N ASN B 243 -0.16 -25.83 10.83
CA ASN B 243 1.18 -25.85 11.41
C ASN B 243 2.16 -24.96 10.64
N PHE B 244 2.05 -24.98 9.32
CA PHE B 244 2.98 -24.25 8.48
C PHE B 244 2.75 -22.74 8.57
N ILE B 245 1.51 -22.33 8.34
CA ILE B 245 1.15 -20.92 8.37
C ILE B 245 1.40 -20.31 9.76
N ASP B 246 1.00 -21.03 10.81
CA ASP B 246 1.21 -20.55 12.17
C ASP B 246 2.68 -20.28 12.45
N ARG B 247 3.53 -21.20 12.01
N ARG B 247 3.54 -21.19 11.99
CA ARG B 247 4.96 -21.12 12.22
CA ARG B 247 4.97 -21.07 12.26
C ARG B 247 5.54 -19.89 11.52
C ARG B 247 5.58 -19.91 11.50
N LEU B 248 4.98 -19.55 10.36
CA LEU B 248 5.43 -18.39 9.59
C LEU B 248 5.01 -17.10 10.30
N ILE B 249 3.77 -17.08 10.78
CA ILE B 249 3.26 -15.92 11.52
C ILE B 249 4.05 -15.74 12.81
N ASN B 250 4.35 -16.85 13.48
CA ASN B 250 5.15 -16.80 14.70
C ASN B 250 6.58 -16.35 14.41
N SER B 251 7.08 -16.70 13.22
CA SER B 251 8.44 -16.33 12.83
C SER B 251 8.51 -14.88 12.35
N GLY B 252 7.35 -14.26 12.19
CA GLY B 252 7.29 -12.85 11.82
C GLY B 252 7.25 -12.62 10.32
N VAL B 253 6.93 -13.68 9.57
CA VAL B 253 6.81 -13.58 8.12
C VAL B 253 5.50 -12.92 7.73
N SER B 254 5.59 -11.76 7.09
CA SER B 254 4.41 -11.05 6.64
C SER B 254 4.03 -11.47 5.23
N PHE B 255 2.77 -11.88 5.06
CA PHE B 255 2.24 -12.23 3.74
C PHE B 255 0.75 -11.95 3.71
N ASP B 256 0.22 -11.76 2.51
CA ASP B 256 -1.17 -11.34 2.33
C ASP B 256 -2.09 -12.48 1.89
N VAL B 257 -1.52 -13.45 1.18
CA VAL B 257 -2.32 -14.50 0.54
C VAL B 257 -1.75 -15.89 0.82
N ILE B 258 -2.66 -16.83 1.10
CA ILE B 258 -2.33 -18.24 1.14
C ILE B 258 -2.80 -18.90 -0.15
N ALA B 259 -1.84 -19.37 -0.94
CA ALA B 259 -2.14 -19.96 -2.24
C ALA B 259 -2.06 -21.49 -2.17
N ILE B 260 -3.04 -22.15 -2.79
CA ILE B 260 -3.18 -23.61 -2.71
C ILE B 260 -3.01 -24.25 -4.09
N SER B 261 -2.25 -25.34 -4.15
CA SER B 261 -2.26 -26.22 -5.31
C SER B 261 -3.19 -27.38 -5.02
N PHE B 262 -4.29 -27.47 -5.76
CA PHE B 262 -5.25 -28.56 -5.61
C PHE B 262 -5.48 -29.31 -6.91
N TYR B 263 -4.76 -30.41 -7.07
CA TYR B 263 -5.04 -31.38 -8.12
C TYR B 263 -5.81 -32.56 -7.51
N PRO B 264 -7.11 -32.69 -7.85
CA PRO B 264 -7.97 -33.66 -7.18
C PRO B 264 -7.51 -35.11 -7.33
N TYR B 265 -6.77 -35.40 -8.39
CA TYR B 265 -6.26 -36.75 -8.61
C TYR B 265 -4.98 -37.02 -7.83
N TRP B 266 -4.49 -36.01 -7.12
CA TRP B 266 -3.31 -36.17 -6.27
C TRP B 266 -3.61 -35.88 -4.80
N HIS B 267 -4.47 -34.89 -4.56
CA HIS B 267 -4.59 -34.30 -3.22
C HIS B 267 -5.87 -34.68 -2.49
N GLY B 268 -6.88 -35.14 -3.22
CA GLY B 268 -8.11 -35.62 -2.60
C GLY B 268 -9.38 -35.11 -3.26
N THR B 269 -10.43 -34.97 -2.47
CA THR B 269 -11.77 -34.65 -2.96
C THR B 269 -12.15 -33.20 -2.68
N MET B 270 -13.35 -32.82 -3.11
CA MET B 270 -13.86 -31.46 -2.90
C MET B 270 -14.11 -31.20 -1.41
N ASP B 271 -14.54 -32.23 -0.70
CA ASP B 271 -14.73 -32.14 0.75
C ASP B 271 -13.42 -31.75 1.42
N ASP B 272 -12.33 -32.34 0.96
CA ASP B 272 -11.00 -32.05 1.50
C ASP B 272 -10.60 -30.61 1.22
N PHE B 273 -10.99 -30.09 0.07
CA PHE B 273 -10.69 -28.72 -0.31
C PHE B 273 -11.56 -27.75 0.50
N ARG B 274 -12.86 -27.99 0.51
CA ARG B 274 -13.80 -27.15 1.24
C ARG B 274 -13.41 -27.06 2.72
N ASN B 275 -12.94 -28.18 3.26
CA ASN B 275 -12.52 -28.20 4.66
C ASN B 275 -11.30 -27.31 4.89
N LEU B 276 -10.30 -27.43 4.02
CA LEU B 276 -9.09 -26.63 4.13
C LEU B 276 -9.43 -25.14 4.18
N VAL B 277 -10.24 -24.70 3.22
CA VAL B 277 -10.62 -23.31 3.12
C VAL B 277 -11.41 -22.88 4.35
N ARG B 278 -12.09 -23.84 4.98
CA ARG B 278 -12.88 -23.57 6.18
C ARG B 278 -11.99 -23.37 7.41
N THR B 279 -11.04 -24.29 7.62
CA THR B 279 -10.10 -24.19 8.73
C THR B 279 -9.20 -22.95 8.55
N LEU B 280 -9.22 -22.40 7.34
CA LEU B 280 -8.35 -21.28 6.98
C LEU B 280 -8.98 -19.92 7.29
N VAL B 281 -10.15 -19.67 6.73
CA VAL B 281 -10.85 -18.41 6.97
C VAL B 281 -11.18 -18.27 8.45
N GLN B 282 -11.37 -19.39 9.12
CA GLN B 282 -11.72 -19.40 10.53
C GLN B 282 -10.52 -19.04 11.40
N ARG B 283 -9.31 -19.23 10.87
CA ARG B 283 -8.10 -19.08 11.68
C ARG B 283 -7.21 -17.91 11.24
N TYR B 284 -7.31 -17.51 9.98
CA TYR B 284 -6.41 -16.51 9.42
C TYR B 284 -7.15 -15.33 8.78
N ASP B 285 -6.54 -14.16 8.84
CA ASP B 285 -7.04 -12.99 8.15
C ASP B 285 -6.32 -12.83 6.83
N LYS B 286 -6.20 -13.95 6.11
CA LYS B 286 -5.53 -13.98 4.82
C LYS B 286 -6.53 -14.31 3.71
N LYS B 287 -6.27 -13.79 2.52
CA LYS B 287 -7.08 -14.14 1.36
C LYS B 287 -6.60 -15.47 0.81
N ILE B 288 -7.53 -16.27 0.31
CA ILE B 288 -7.22 -17.63 -0.10
C ILE B 288 -7.27 -17.76 -1.62
N LEU B 289 -6.13 -18.15 -2.18
CA LEU B 289 -5.98 -18.30 -3.62
C LEU B 289 -5.79 -19.77 -3.99
N VAL B 290 -6.30 -20.14 -5.15
CA VAL B 290 -5.97 -21.42 -5.76
C VAL B 290 -4.91 -21.16 -6.83
N ALA B 291 -3.65 -21.43 -6.49
CA ALA B 291 -2.53 -21.12 -7.37
C ALA B 291 -2.51 -22.02 -8.58
N GLU B 292 -2.81 -23.30 -8.37
CA GLU B 292 -2.77 -24.29 -9.43
C GLU B 292 -3.95 -25.24 -9.36
N THR B 293 -4.48 -25.58 -10.52
CA THR B 293 -5.51 -26.60 -10.64
C THR B 293 -5.67 -26.97 -12.10
N ALA B 294 -6.01 -28.22 -12.36
CA ALA B 294 -6.18 -28.69 -13.72
C ALA B 294 -6.94 -30.01 -13.76
N TYR B 295 -7.51 -30.31 -14.92
CA TYR B 295 -8.19 -31.58 -15.10
C TYR B 295 -8.27 -31.95 -16.58
N ALA B 296 -8.30 -33.25 -16.85
CA ALA B 296 -8.30 -33.74 -18.22
C ALA B 296 -9.66 -33.50 -18.89
N TRP B 297 -9.60 -33.11 -20.16
CA TRP B 297 -10.80 -33.00 -20.99
C TRP B 297 -10.82 -34.14 -22.00
N THR B 298 -9.78 -34.95 -21.98
CA THR B 298 -9.71 -36.16 -22.80
C THR B 298 -8.63 -37.09 -22.26
N LEU B 299 -8.63 -38.32 -22.75
CA LEU B 299 -7.65 -39.32 -22.36
C LEU B 299 -6.76 -39.67 -23.54
N ASP B 300 -6.99 -38.98 -24.67
CA ASP B 300 -6.20 -39.19 -25.87
C ASP B 300 -4.88 -38.40 -25.82
N ASP B 301 -3.86 -38.94 -26.49
CA ASP B 301 -2.56 -38.29 -26.58
C ASP B 301 -2.42 -37.61 -27.95
N SER B 302 -1.53 -36.61 -28.02
CA SER B 302 -1.36 -35.80 -29.23
C SER B 302 0.04 -35.94 -29.85
N ASP B 303 1.05 -35.50 -29.12
CA ASP B 303 2.40 -35.37 -29.68
C ASP B 303 3.23 -36.66 -29.60
N GLY B 304 2.73 -37.64 -28.86
CA GLY B 304 3.40 -38.92 -28.72
C GLY B 304 4.06 -39.09 -27.36
N HIS B 305 4.17 -38.00 -26.61
CA HIS B 305 4.78 -38.04 -25.28
C HIS B 305 3.71 -38.34 -24.24
N PRO B 306 3.83 -39.49 -23.54
CA PRO B 306 2.80 -39.92 -22.56
C PRO B 306 2.41 -38.84 -21.56
N ASN B 307 1.11 -38.68 -21.35
CA ASN B 307 0.59 -37.65 -20.47
C ASN B 307 0.46 -38.12 -19.02
N ILE B 308 0.48 -37.17 -18.10
CA ILE B 308 0.35 -37.46 -16.68
C ILE B 308 -1.04 -38.01 -16.39
N PHE B 309 -2.07 -37.30 -16.86
CA PHE B 309 -3.43 -37.82 -16.86
C PHE B 309 -3.60 -38.74 -18.07
N GLY B 310 -3.13 -39.98 -17.94
CA GLY B 310 -2.97 -40.87 -19.08
C GLY B 310 -3.94 -42.03 -19.17
N SER B 311 -4.72 -42.25 -18.11
CA SER B 311 -5.69 -43.34 -18.10
C SER B 311 -6.79 -43.10 -17.07
N ARG B 312 -7.84 -43.91 -17.14
CA ARG B 312 -9.03 -43.71 -16.31
C ARG B 312 -8.77 -43.94 -14.82
N ASP B 313 -7.57 -44.39 -14.46
CA ASP B 313 -7.24 -44.55 -13.05
C ASP B 313 -7.17 -43.18 -12.37
N LEU B 314 -6.67 -42.19 -13.12
CA LEU B 314 -6.59 -40.83 -12.60
C LEU B 314 -7.95 -40.14 -12.63
N GLU B 315 -8.91 -40.74 -13.34
CA GLU B 315 -10.25 -40.18 -13.44
C GLU B 315 -11.03 -40.42 -12.14
N VAL B 316 -10.88 -41.61 -11.56
CA VAL B 316 -11.59 -41.94 -10.33
C VAL B 316 -10.90 -41.27 -9.15
N LYS B 317 -9.59 -41.04 -9.28
CA LYS B 317 -8.84 -40.33 -8.25
C LYS B 317 -9.28 -38.87 -8.22
N GLY B 318 -9.57 -38.33 -9.40
CA GLY B 318 -10.04 -36.96 -9.52
C GLY B 318 -11.47 -36.81 -9.07
N GLY B 319 -12.32 -37.74 -9.48
CA GLY B 319 -13.73 -37.72 -9.12
C GLY B 319 -14.60 -37.10 -10.21
N TYR B 320 -13.97 -36.68 -11.30
CA TYR B 320 -14.68 -36.10 -12.44
C TYR B 320 -14.33 -36.86 -13.71
N LYS B 321 -15.29 -36.93 -14.63
CA LYS B 321 -15.04 -37.59 -15.90
C LYS B 321 -14.04 -36.79 -16.73
N ALA B 322 -13.03 -37.47 -17.26
CA ALA B 322 -12.08 -36.84 -18.16
C ALA B 322 -12.76 -36.51 -19.49
N SER B 323 -13.45 -35.36 -19.51
CA SER B 323 -14.15 -34.90 -20.70
C SER B 323 -14.26 -33.39 -20.66
N ILE B 324 -14.70 -32.79 -21.76
CA ILE B 324 -14.86 -31.34 -21.82
C ILE B 324 -15.96 -30.91 -20.86
N GLN B 325 -16.91 -31.81 -20.61
CA GLN B 325 -17.98 -31.55 -19.65
C GLN B 325 -17.45 -31.62 -18.21
N GLY B 326 -16.74 -32.69 -17.90
CA GLY B 326 -16.24 -32.90 -16.55
C GLY B 326 -15.16 -31.91 -16.15
N GLN B 327 -14.37 -31.47 -17.13
CA GLN B 327 -13.31 -30.49 -16.89
C GLN B 327 -13.92 -29.17 -16.46
N ALA B 328 -14.91 -28.72 -17.21
CA ALA B 328 -15.58 -27.46 -16.93
C ALA B 328 -16.41 -27.57 -15.65
N SER B 329 -16.97 -28.74 -15.40
CA SER B 329 -17.76 -28.98 -14.19
C SER B 329 -16.86 -28.91 -12.95
N PHE B 330 -15.64 -29.44 -13.08
CA PHE B 330 -14.70 -29.43 -11.97
C PHE B 330 -14.26 -28.01 -11.65
N ILE B 331 -14.03 -27.21 -12.68
CA ILE B 331 -13.61 -25.83 -12.51
C ILE B 331 -14.73 -25.04 -11.85
N ARG B 332 -15.96 -25.27 -12.30
CA ARG B 332 -17.13 -24.65 -11.72
C ARG B 332 -17.21 -24.97 -10.23
N ASP B 333 -17.17 -26.26 -9.91
CA ASP B 333 -17.35 -26.73 -8.54
C ASP B 333 -16.23 -26.25 -7.62
N LEU B 334 -15.05 -26.00 -8.19
CA LEU B 334 -13.92 -25.53 -7.40
C LEU B 334 -14.11 -24.05 -7.06
N ILE B 335 -14.52 -23.27 -8.07
CA ILE B 335 -14.81 -21.86 -7.87
C ILE B 335 -15.95 -21.70 -6.89
N ALA B 336 -16.97 -22.54 -7.03
CA ALA B 336 -18.15 -22.49 -6.19
C ALA B 336 -17.79 -22.83 -4.74
N ALA B 337 -17.01 -23.89 -4.57
CA ALA B 337 -16.62 -24.35 -3.24
C ALA B 337 -15.79 -23.30 -2.50
N LEU B 338 -14.88 -22.66 -3.23
CA LEU B 338 -13.96 -21.68 -2.64
C LEU B 338 -14.70 -20.42 -2.21
N TYR B 339 -15.64 -19.96 -3.04
CA TYR B 339 -16.40 -18.76 -2.72
C TYR B 339 -17.41 -19.03 -1.61
N GLU B 340 -17.89 -20.26 -1.54
CA GLU B 340 -18.89 -20.64 -0.54
C GLU B 340 -18.28 -20.83 0.84
N GLU B 341 -17.05 -21.34 0.88
CA GLU B 341 -16.34 -21.56 2.14
C GLU B 341 -15.41 -20.40 2.46
N GLY B 342 -15.15 -19.55 1.48
CA GLY B 342 -14.24 -18.43 1.63
C GLY B 342 -14.94 -17.09 1.72
N LYS B 343 -15.87 -16.86 0.80
CA LYS B 343 -16.69 -15.66 0.81
C LYS B 343 -15.87 -14.37 0.85
N ASP B 344 -15.72 -13.81 2.04
CA ASP B 344 -15.04 -12.54 2.22
C ASP B 344 -13.58 -12.60 1.80
N LYS B 345 -12.94 -13.73 2.05
CA LYS B 345 -11.52 -13.90 1.81
C LYS B 345 -11.23 -14.77 0.59
N ALA B 346 -12.28 -15.24 -0.07
CA ALA B 346 -12.12 -16.04 -1.28
C ALA B 346 -11.55 -15.18 -2.38
N LEU B 347 -10.30 -15.43 -2.73
CA LEU B 347 -9.61 -14.62 -3.72
C LEU B 347 -10.02 -15.09 -5.11
N GLY B 348 -9.51 -16.24 -5.52
CA GLY B 348 -9.81 -16.77 -6.84
C GLY B 348 -9.06 -18.04 -7.17
N ILE B 349 -8.99 -18.36 -8.46
CA ILE B 349 -8.22 -19.52 -8.92
C ILE B 349 -7.37 -19.23 -10.15
N PHE B 350 -6.37 -20.09 -10.36
CA PHE B 350 -5.53 -20.06 -11.54
C PHE B 350 -5.45 -21.44 -12.16
N TYR B 351 -6.03 -21.60 -13.35
CA TYR B 351 -5.94 -22.89 -14.05
C TYR B 351 -4.54 -23.05 -14.61
N TRP B 352 -3.89 -24.15 -14.26
CA TRP B 352 -2.50 -24.38 -14.67
C TRP B 352 -2.39 -25.17 -15.96
N GLY B 353 -1.50 -24.74 -16.84
CA GLY B 353 -1.27 -25.39 -18.11
C GLY B 353 -2.40 -25.14 -19.10
N ALA B 354 -3.14 -24.06 -18.87
CA ALA B 354 -4.33 -23.75 -19.66
C ALA B 354 -4.02 -23.63 -21.15
N THR B 355 -2.88 -23.03 -21.46
CA THR B 355 -2.51 -22.71 -22.83
C THR B 355 -1.39 -23.60 -23.36
N TRP B 356 -1.21 -24.77 -22.74
CA TRP B 356 -0.11 -25.65 -23.09
C TRP B 356 -0.53 -26.66 -24.15
N ILE B 357 -0.77 -26.16 -25.36
CA ILE B 357 -1.18 -27.01 -26.47
C ILE B 357 0.03 -27.77 -27.03
N PRO B 358 -0.24 -28.85 -27.79
CA PRO B 358 0.86 -29.56 -28.46
C PRO B 358 1.51 -28.72 -29.55
N TYR B 359 2.83 -28.61 -29.54
CA TYR B 359 3.54 -27.97 -30.63
C TYR B 359 5.02 -28.34 -30.60
N PRO B 360 5.63 -28.59 -31.78
CA PRO B 360 7.03 -29.02 -31.84
C PRO B 360 8.00 -28.05 -31.16
N GLY B 361 8.58 -28.50 -30.04
CA GLY B 361 9.55 -27.71 -29.30
C GLY B 361 8.98 -27.10 -28.03
N ALA B 362 7.72 -27.40 -27.74
CA ALA B 362 7.03 -26.85 -26.57
C ALA B 362 6.65 -27.96 -25.59
N GLY B 363 7.62 -28.81 -25.26
CA GLY B 363 7.41 -29.88 -24.30
C GLY B 363 7.80 -29.47 -22.90
N TRP B 364 7.75 -30.42 -21.97
CA TRP B 364 8.08 -30.16 -20.59
C TRP B 364 9.60 -30.06 -20.40
N LYS B 365 10.34 -30.61 -21.36
CA LYS B 365 11.80 -30.55 -21.36
C LYS B 365 12.27 -30.44 -22.81
N THR B 366 13.37 -29.73 -23.02
CA THR B 366 14.00 -29.70 -24.33
C THR B 366 14.38 -31.11 -24.74
N GLY B 367 13.83 -31.57 -25.85
CA GLY B 367 14.09 -32.91 -26.35
C GLY B 367 12.91 -33.85 -26.18
N GLU B 368 12.04 -33.54 -25.22
CA GLU B 368 10.85 -34.34 -24.96
C GLU B 368 9.58 -33.54 -25.26
N GLY B 369 8.43 -34.21 -25.19
CA GLY B 369 7.16 -33.63 -25.57
C GLY B 369 6.28 -33.20 -24.42
N ASN B 370 4.99 -33.06 -24.71
CA ASN B 370 4.02 -32.53 -23.76
C ASN B 370 3.32 -33.63 -22.96
N PRO B 371 3.43 -33.59 -21.62
CA PRO B 371 2.70 -34.51 -20.75
C PRO B 371 1.39 -33.92 -20.21
N TRP B 372 0.94 -32.81 -20.81
CA TRP B 372 -0.13 -32.01 -20.22
C TRP B 372 -1.14 -31.47 -21.22
N GLU B 373 -1.08 -31.93 -22.47
CA GLU B 373 -1.91 -31.34 -23.51
C GLU B 373 -3.39 -31.71 -23.33
N ASN B 374 -3.65 -32.84 -22.68
CA ASN B 374 -5.01 -33.31 -22.47
C ASN B 374 -5.64 -32.66 -21.23
N GLN B 375 -4.89 -31.79 -20.57
CA GLN B 375 -5.39 -31.05 -19.40
C GLN B 375 -5.47 -29.55 -19.69
N ALA B 376 -5.15 -29.16 -20.92
CA ALA B 376 -5.22 -27.76 -21.32
C ALA B 376 -6.66 -27.31 -21.52
N LEU B 377 -6.84 -26.03 -21.81
CA LEU B 377 -8.17 -25.48 -22.10
C LEU B 377 -8.32 -25.15 -23.59
N PHE B 378 -7.34 -25.60 -24.37
CA PHE B 378 -7.40 -25.55 -25.83
C PHE B 378 -7.13 -26.95 -26.36
N ASP B 379 -7.72 -27.31 -27.50
CA ASP B 379 -7.52 -28.65 -28.04
C ASP B 379 -6.18 -28.76 -28.74
N PHE B 380 -5.93 -29.91 -29.37
CA PHE B 380 -4.63 -30.21 -29.95
C PHE B 380 -4.30 -29.32 -31.16
N ASN B 381 -5.30 -28.59 -31.66
CA ASN B 381 -5.10 -27.69 -32.79
C ASN B 381 -4.95 -26.23 -32.37
N GLY B 382 -5.12 -25.98 -31.07
CA GLY B 382 -5.02 -24.63 -30.53
C GLY B 382 -6.37 -23.94 -30.48
N ARG B 383 -7.42 -24.68 -30.81
CA ARG B 383 -8.78 -24.15 -30.80
C ARG B 383 -9.34 -24.19 -29.38
N ALA B 384 -10.05 -23.14 -29.00
CA ALA B 384 -10.58 -23.00 -27.65
C ALA B 384 -11.62 -24.08 -27.36
N LEU B 385 -11.46 -24.75 -26.22
CA LEU B 385 -12.42 -25.76 -25.79
C LEU B 385 -13.68 -25.08 -25.27
N PRO B 386 -14.84 -25.76 -25.43
CA PRO B 386 -16.08 -25.24 -24.85
C PRO B 386 -16.02 -25.11 -23.33
N SER B 387 -15.01 -25.72 -22.72
CA SER B 387 -14.84 -25.66 -21.27
C SER B 387 -14.25 -24.34 -20.82
N LEU B 388 -13.70 -23.59 -21.76
CA LEU B 388 -12.99 -22.35 -21.45
C LEU B 388 -13.97 -21.23 -21.09
N LYS B 389 -15.20 -21.35 -21.58
CA LYS B 389 -16.25 -20.38 -21.30
C LYS B 389 -16.63 -20.37 -19.82
N VAL B 390 -16.15 -21.36 -19.07
CA VAL B 390 -16.53 -21.52 -17.68
C VAL B 390 -16.23 -20.28 -16.83
N PHE B 391 -15.30 -19.44 -17.28
CA PHE B 391 -14.95 -18.23 -16.55
C PHE B 391 -15.98 -17.12 -16.78
N ARG B 392 -16.94 -17.35 -17.67
CA ARG B 392 -18.01 -16.40 -17.93
C ARG B 392 -19.34 -16.96 -17.48
N LEU B 393 -19.56 -18.24 -17.70
CA LEU B 393 -20.84 -18.89 -17.43
C LEU B 393 -21.10 -19.06 -15.92
N VAL B 394 -20.08 -18.85 -15.10
CA VAL B 394 -20.26 -18.90 -13.65
C VAL B 394 -20.98 -17.67 -13.12
N TYR B 395 -21.25 -16.71 -14.01
CA TYR B 395 -22.02 -15.52 -13.66
C TYR B 395 -23.44 -15.60 -14.20
N GLU B 396 -24.34 -14.85 -13.59
CA GLU B 396 -25.73 -14.78 -14.03
C GLU B 396 -25.92 -13.67 -15.06
CA CA C . -5.66 36.26 23.18
O1 HEZ D . 2.58 35.76 22.14
C1 HEZ D . 2.72 35.12 20.88
C2 HEZ D . 3.87 34.14 20.94
C3 HEZ D . 5.05 34.69 20.19
C4 HEZ D . 6.10 33.61 20.04
C5 HEZ D . 7.02 33.94 18.88
C6 HEZ D . 8.05 32.84 18.71
O6 HEZ D . 8.44 32.76 17.37
HO1 HEZ D . 1.87 36.28 22.13
H11 HEZ D . 2.88 35.79 20.20
H12 HEZ D . 1.89 34.64 20.67
H21 HEZ D . 4.12 33.99 21.87
H22 HEZ D . 3.59 33.29 20.54
H31 HEZ D . 4.77 34.99 19.30
H32 HEZ D . 5.43 35.44 20.68
H41 HEZ D . 6.62 33.54 20.86
H42 HEZ D . 5.66 32.75 19.86
H51 HEZ D . 6.50 34.01 18.06
H52 HEZ D . 7.47 34.78 19.06
H61 HEZ D . 8.83 33.04 19.27
H62 HEZ D . 7.67 31.99 18.99
HO6 HEZ D . 9.02 32.09 17.26
O1 HEZ E . 3.93 29.15 14.66
C1 HEZ E . 4.06 30.42 15.24
C2 HEZ E . 2.91 30.67 16.21
C3 HEZ E . 2.76 29.53 17.19
C4 HEZ E . 2.91 30.05 18.61
C5 HEZ E . 4.33 30.52 18.89
C6 HEZ E . 5.29 29.35 18.84
O6 HEZ E . 6.22 29.52 17.79
HO1 HEZ E . 4.48 29.07 13.97
H11 HEZ E . 4.05 31.10 14.55
H12 HEZ E . 4.91 30.46 15.73
H21 HEZ E . 3.09 31.50 16.70
H22 HEZ E . 2.08 30.77 15.70
H31 HEZ E . 3.46 28.86 17.02
H32 HEZ E . 1.89 29.13 17.08
H41 HEZ E . 2.30 30.79 18.74
H42 HEZ E . 2.68 29.33 19.23
H51 HEZ E . 4.58 31.18 18.22
H52 HEZ E . 4.36 30.93 19.77
H61 HEZ E . 5.76 29.28 19.69
H62 HEZ E . 4.78 28.52 18.69
HO6 HEZ E . 6.63 28.75 17.63
O1 HEZ F . -3.82 31.23 30.89
C1 HEZ F . -2.62 31.43 31.61
C2 HEZ F . -2.69 32.75 32.35
C3 HEZ F . -2.21 33.90 31.47
C4 HEZ F . -3.40 34.65 30.90
C5 HEZ F . -2.93 35.91 30.19
C6 HEZ F . -3.26 37.13 31.04
O6 HEZ F . -3.11 38.30 30.27
HO1 HEZ F . -3.68 31.36 30.03
H11 HEZ F . -2.51 30.71 32.25
H12 HEZ F . -1.87 31.44 30.99
H21 HEZ F . -3.61 32.93 32.61
H22 HEZ F . -2.12 32.70 33.13
H31 HEZ F . -1.67 33.54 30.73
H32 HEZ F . -1.66 34.51 32.00
H41 HEZ F . -3.87 34.08 30.26
H42 HEZ F . -4.01 34.88 31.62
H51 HEZ F . -3.38 35.99 29.33
H52 HEZ F . -1.97 35.86 30.06
H61 HEZ F . -4.17 37.06 31.37
H62 HEZ F . -2.65 37.16 31.81
HO6 HEZ F . -3.22 39.01 30.78
CL CL G . 27.34 18.12 5.49
CA CA H . 1.31 -35.92 -24.95
O1 HEZ I . 4.95 -24.39 -11.46
C1 HEZ I . 5.24 -25.77 -11.60
C2 HEZ I . 4.01 -26.48 -12.12
C3 HEZ I . 3.54 -27.54 -11.15
C4 HEZ I . 2.56 -28.48 -11.83
C5 HEZ I . 2.78 -29.89 -11.33
C6 HEZ I . 3.33 -30.77 -12.45
O6 HEZ I . 4.16 -31.76 -11.89
HO1 HEZ I . 5.18 -23.96 -12.20
H11 HEZ I . 5.49 -26.14 -10.73
H12 HEZ I . 5.97 -25.88 -12.23
H21 HEZ I . 3.29 -25.82 -12.25
H22 HEZ I . 4.21 -26.89 -12.98
H31 HEZ I . 4.32 -28.05 -10.84
H32 HEZ I . 3.12 -27.12 -10.39
H41 HEZ I . 2.70 -28.45 -12.79
H42 HEZ I . 1.66 -28.19 -11.61
H51 HEZ I . 1.94 -30.27 -11.02
H52 HEZ I . 3.42 -29.88 -10.59
H61 HEZ I . 3.85 -30.22 -13.06
H62 HEZ I . 2.59 -31.19 -12.93
HO6 HEZ I . 4.38 -32.35 -12.52
O1 HEZ J . 6.88 -36.83 -18.12
C1 HEZ J . 6.52 -35.80 -17.22
C2 HEZ J . 7.74 -35.36 -16.43
C3 HEZ J . 7.95 -36.28 -15.25
C4 HEZ J . 8.87 -35.59 -14.27
C5 HEZ J . 8.08 -34.75 -13.28
C6 HEZ J . 8.84 -34.61 -11.98
O6 HEZ J . 7.98 -34.08 -11.00
HO1 HEZ J . 6.32 -36.82 -18.81
H11 HEZ J . 5.84 -36.13 -16.60
H12 HEZ J . 6.17 -35.05 -17.72
H21 HEZ J . 7.60 -34.45 -16.12
H22 HEZ J . 8.52 -35.39 -17.01
H31 HEZ J . 8.36 -37.12 -15.55
H32 HEZ J . 7.10 -36.47 -14.82
H41 HEZ J . 9.39 -36.27 -13.78
H42 HEZ J . 9.49 -35.01 -14.75
H51 HEZ J . 7.93 -33.87 -13.66
H52 HEZ J . 7.22 -35.18 -13.12
H61 HEZ J . 9.61 -34.02 -12.11
H62 HEZ J . 9.15 -35.50 -11.69
HO6 HEZ J . 8.44 -33.91 -10.26
O1 HEZ K . 19.10 -26.97 -11.86
C1 HEZ K . 18.20 -27.43 -12.85
C2 HEZ K . 18.94 -28.32 -13.82
C3 HEZ K . 18.05 -28.66 -14.99
C4 HEZ K . 18.50 -29.97 -15.60
C5 HEZ K . 18.24 -29.98 -17.10
C6 HEZ K . 17.50 -31.26 -17.47
O6 HEZ K . 17.11 -31.19 -18.83
HO1 HEZ K . 18.71 -27.04 -11.06
H11 HEZ K . 17.48 -27.93 -12.43
H12 HEZ K . 17.84 -26.66 -13.33
H21 HEZ K . 19.21 -29.14 -13.37
H22 HEZ K . 19.74 -27.86 -14.15
H31 HEZ K . 17.12 -28.74 -14.69
H32 HEZ K . 18.10 -27.95 -15.66
H41 HEZ K . 18.02 -30.70 -15.18
H42 HEZ K . 19.45 -30.08 -15.45
H51 HEZ K . 19.08 -29.94 -17.58
H52 HEZ K . 17.69 -29.21 -17.34
H61 HEZ K . 16.71 -31.35 -16.92
H62 HEZ K . 18.10 -32.03 -17.35
HO6 HEZ K . 16.59 -31.89 -19.03
O1 HEZ L . 10.55 -35.45 -0.92
C1 HEZ L . 9.22 -35.79 -0.59
C2 HEZ L . 8.31 -35.41 -1.74
C3 HEZ L . 7.10 -34.64 -1.26
C4 HEZ L . 5.94 -34.84 -2.23
C5 HEZ L . 6.21 -34.10 -3.52
C6 HEZ L . 5.89 -34.97 -4.71
O6 HEZ L . 5.89 -34.17 -5.88
HO1 HEZ L . 11.11 -35.91 -0.40
H11 HEZ L . 9.16 -36.74 -0.42
H12 HEZ L . 8.95 -35.29 0.21
H21 HEZ L . 8.02 -36.23 -2.19
H22 HEZ L . 8.81 -34.85 -2.37
H31 HEZ L . 6.83 -34.98 -0.38
H32 HEZ L . 7.31 -33.70 -1.19
H41 HEZ L . 5.84 -35.79 -2.41
H42 HEZ L . 5.12 -34.50 -1.82
H51 HEZ L . 7.15 -33.84 -3.56
H52 HEZ L . 5.65 -33.30 -3.55
H61 HEZ L . 5.01 -35.38 -4.60
H62 HEZ L . 6.56 -35.68 -4.80
HO6 HEZ L . 5.65 -34.66 -6.58
CL CL M . 18.94 -23.64 10.87
#